data_1GM7
#
_entry.id   1GM7
#
_cell.length_a   51.600
_cell.length_b   131.800
_cell.length_c   63.900
_cell.angle_alpha   90.00
_cell.angle_beta   105.60
_cell.angle_gamma   90.00
#
_symmetry.space_group_name_H-M   'P 1 21 1'
#
loop_
_entity.id
_entity.type
_entity.pdbx_description
1 polymer 'PENICILLIN G ACYLASE ALPHA SUBUNIT'
2 polymer 'PENICILLIN G ACYLASE BETA SUBUNIT'
3 non-polymer 1,2-ETHANEDIOL
4 non-polymer 'CALCIUM ION'
5 non-polymer 'PENICILLIN G'
6 water water
#
loop_
_entity_poly.entity_id
_entity_poly.type
_entity_poly.pdbx_seq_one_letter_code
_entity_poly.pdbx_strand_id
1 'polypeptide(L)'
;EQSSSEIKIVRDEYG(SME)PHIYANDTWHLFYGYGYVVAQDRLFQMEMARRSTQGTVAEVLGKDFVKFDKDIRRNYWPD
AIRAQIAALSPEDMSILQGYADGMNAWIDKVNTNPETLLPKQFNTFGFTPKRWEPFDVAMIFVGTMANRFSDSTSEIDNL
ALLTALKDKYGVSQGMAVFNQLKWLVNPSAPTTIAVQESNYPLKFNQQNSQTA
;
A
2 'polypeptide(L)'
;SNMWVIGKSKAQDAKAIMVNGPQFGWYAPAYTYGIGLHGAGYDVTGNTPFAYPGLVFGHNGVISWGSTAGFGDDVDIFAE
RLSAEKPGYYLHNGKWVKMLSREETITVKNGQAETFTVWRTVHGNILQTDQTTQTAYAKSRAWDGKEVASLLAWTHQMKA
KNWQEWTQQAAKQALTINWYYADVNGNIGYVHTGAYPDRQSGHDPRLPVPGTGKWDWKGLLPFEMNPKVYNPQSGYIANW
ANSPQKDYPASDLFAFLWGGADRVTEIDRLLEQKPRLTADQAWDVIRQTSRQDLNLRLFLPTLQAATSGLTQSDPRRQLV
ETLTRWDGINLLNDDGKTWQQPGSAILNVWLTSMLKRTVVAAVPMPFDKWYSASGYETTQDGPTGSLNISVGAKILYEAV
QGDKSPIPQAVDLFAGKPQQEVVLAALEDTWETLSKRYGNNVSNWKTPAMALTFRANNFFGVPQAAAEETRHQAEYQNRG
TENDMIVFSPTTSDRPVLAWDVVAPGQSGFIAPDGTVDKHYEDQLKMYENFGRKSLWLTKQDVEAHKESQEVLHVQR
;
B
#
loop_
_chem_comp.id
_chem_comp.type
_chem_comp.name
_chem_comp.formula
CA non-polymer 'CALCIUM ION' 'Ca 2'
EDO non-polymer 1,2-ETHANEDIOL 'C2 H6 O2'
PNN non-polymer 'PENICILLIN G' 'C16 H18 N2 O4 S'
#
# COMPACT_ATOMS: atom_id res chain seq x y z
N SER A 3 30.87 -13.92 -23.92
CA SER A 3 30.58 -15.30 -23.47
C SER A 3 29.40 -15.30 -22.51
N SER A 4 28.92 -16.51 -22.19
CA SER A 4 27.89 -16.64 -21.19
C SER A 4 28.42 -16.32 -19.81
N SER A 5 29.72 -16.30 -19.54
N SER A 5 29.73 -16.34 -19.60
CA SER A 5 30.23 -15.98 -18.21
CA SER A 5 30.26 -16.02 -18.28
C SER A 5 30.39 -14.50 -17.88
C SER A 5 30.12 -14.54 -17.92
N GLU A 6 30.25 -13.62 -18.87
CA GLU A 6 30.45 -12.21 -18.61
C GLU A 6 29.23 -11.44 -18.11
N ILE A 7 29.45 -10.63 -17.10
CA ILE A 7 28.38 -9.76 -16.56
C ILE A 7 28.96 -8.33 -16.50
N LYS A 8 28.35 -7.38 -17.21
CA LYS A 8 28.81 -5.98 -17.13
C LYS A 8 27.88 -5.19 -16.21
N ILE A 9 28.43 -4.44 -15.29
CA ILE A 9 27.65 -3.58 -14.40
C ILE A 9 28.07 -2.15 -14.66
N VAL A 10 27.12 -1.28 -14.96
CA VAL A 10 27.39 0.15 -15.18
C VAL A 10 26.53 0.94 -14.19
N ARG A 11 27.09 1.84 -13.43
CA ARG A 11 26.34 2.73 -12.55
C ARG A 11 26.30 4.11 -13.18
N ASP A 12 25.13 4.76 -13.14
CA ASP A 12 24.94 6.10 -13.67
C ASP A 12 25.32 7.16 -12.64
N GLU A 13 25.02 8.43 -12.92
CA GLU A 13 25.43 9.54 -12.08
C GLU A 13 24.73 9.68 -10.73
N TYR A 14 23.66 8.87 -10.54
CA TYR A 14 22.98 8.75 -9.27
C TYR A 14 23.28 7.39 -8.64
N GLY A 15 24.25 6.65 -9.19
CA GLY A 15 24.58 5.33 -8.63
C GLY A 15 23.64 4.21 -9.07
N SME A 16 22.67 4.49 -9.92
CA SME A 16 21.75 3.41 -10.30
CB SME A 16 20.53 4.02 -11.02
CG SME A 16 19.69 2.89 -11.67
S SME A 16 18.03 3.47 -12.04
OE SME A 16 18.15 4.84 -12.60
CE SME A 16 17.63 2.38 -13.38
C SME A 16 22.47 2.41 -11.19
O SME A 16 23.03 2.78 -12.22
N PRO A 17 22.39 1.13 -10.85
CA PRO A 17 23.10 0.11 -11.63
C PRO A 17 22.28 -0.45 -12.77
N HIS A 18 22.97 -0.75 -13.87
CA HIS A 18 22.49 -1.36 -15.08
C HIS A 18 23.29 -2.65 -15.31
N ILE A 19 22.60 -3.76 -15.39
CA ILE A 19 23.22 -5.08 -15.57
C ILE A 19 23.06 -5.59 -16.99
N TYR A 20 24.20 -6.02 -17.53
CA TYR A 20 24.27 -6.61 -18.86
C TYR A 20 24.71 -8.07 -18.81
N ALA A 21 23.92 -9.01 -19.26
CA ALA A 21 24.31 -10.41 -19.22
C ALA A 21 23.58 -11.17 -20.31
N ASN A 22 24.08 -12.41 -20.54
CA ASN A 22 23.60 -13.18 -21.68
C ASN A 22 22.70 -14.37 -21.38
N ASP A 23 22.44 -14.65 -20.12
CA ASP A 23 21.51 -15.71 -19.74
C ASP A 23 20.82 -15.30 -18.43
N THR A 24 19.78 -16.06 -18.08
CA THR A 24 18.96 -15.69 -16.92
C THR A 24 19.72 -15.67 -15.62
N TRP A 25 20.48 -16.75 -15.38
CA TRP A 25 21.21 -16.85 -14.11
C TRP A 25 22.19 -15.72 -13.97
N HIS A 26 22.95 -15.42 -15.05
CA HIS A 26 23.91 -14.33 -14.97
C HIS A 26 23.27 -12.94 -14.78
N LEU A 27 22.13 -12.73 -15.43
CA LEU A 27 21.46 -11.42 -15.25
C LEU A 27 21.04 -11.22 -13.81
N PHE A 28 20.37 -12.23 -13.23
CA PHE A 28 19.93 -12.06 -11.84
C PHE A 28 21.08 -12.12 -10.86
N TYR A 29 22.20 -12.79 -11.21
CA TYR A 29 23.39 -12.74 -10.36
C TYR A 29 23.90 -11.29 -10.29
N GLY A 30 23.97 -10.61 -11.46
CA GLY A 30 24.44 -9.20 -11.41
C GLY A 30 23.52 -8.34 -10.51
N TYR A 31 22.20 -8.56 -10.63
CA TYR A 31 21.24 -7.84 -9.78
C TYR A 31 21.49 -8.09 -8.31
N GLY A 32 21.58 -9.37 -7.91
CA GLY A 32 21.87 -9.66 -6.51
C GLY A 32 23.16 -9.06 -5.99
N TYR A 33 24.19 -9.08 -6.87
CA TYR A 33 25.50 -8.53 -6.50
C TYR A 33 25.40 -7.05 -6.14
N VAL A 34 24.75 -6.27 -7.04
CA VAL A 34 24.65 -4.82 -6.77
C VAL A 34 23.73 -4.49 -5.61
N VAL A 35 22.73 -5.33 -5.37
CA VAL A 35 21.87 -5.14 -4.22
C VAL A 35 22.67 -5.32 -2.92
N ALA A 36 23.51 -6.39 -2.91
CA ALA A 36 24.35 -6.65 -1.74
C ALA A 36 25.36 -5.54 -1.53
N GLN A 37 25.80 -4.86 -2.58
CA GLN A 37 26.69 -3.70 -2.43
C GLN A 37 25.98 -2.48 -1.83
N ASP A 38 24.75 -2.24 -2.30
CA ASP A 38 24.06 -1.02 -1.94
C ASP A 38 23.22 -1.10 -0.68
N ARG A 39 22.63 -2.25 -0.39
CA ARG A 39 21.59 -2.35 0.61
C ARG A 39 21.68 -3.58 1.49
N LEU A 40 22.94 -4.04 1.76
CA LEU A 40 23.04 -5.31 2.50
C LEU A 40 22.37 -5.32 3.86
N PHE A 41 22.57 -4.26 4.65
CA PHE A 41 21.95 -4.26 5.99
C PHE A 41 20.44 -4.24 5.91
N GLN A 42 19.93 -3.35 5.04
CA GLN A 42 18.48 -3.27 4.80
C GLN A 42 17.92 -4.64 4.38
N MET A 43 18.62 -5.31 3.46
CA MET A 43 18.14 -6.63 3.01
C MET A 43 18.23 -7.70 4.07
N GLU A 44 19.32 -7.67 4.85
CA GLU A 44 19.40 -8.61 5.96
C GLU A 44 18.26 -8.45 6.95
N MET A 45 17.96 -7.19 7.29
CA MET A 45 16.88 -6.92 8.22
C MET A 45 15.52 -7.21 7.61
N ALA A 46 15.35 -7.03 6.31
CA ALA A 46 14.11 -7.41 5.65
C ALA A 46 13.97 -8.94 5.67
N ARG A 47 15.09 -9.68 5.49
CA ARG A 47 15.04 -11.14 5.57
C ARG A 47 14.56 -11.58 6.96
N ARG A 48 15.13 -10.99 8.01
CA ARG A 48 14.72 -11.33 9.37
C ARG A 48 13.28 -10.93 9.66
N SER A 49 12.84 -9.81 9.05
CA SER A 49 11.45 -9.38 9.27
C SER A 49 10.48 -10.32 8.59
N THR A 50 10.81 -10.79 7.38
CA THR A 50 9.93 -11.65 6.62
C THR A 50 9.89 -13.10 7.10
N GLN A 51 10.92 -13.49 7.87
CA GLN A 51 10.98 -14.87 8.39
C GLN A 51 10.80 -14.92 9.89
N GLY A 52 10.71 -13.74 10.56
CA GLY A 52 10.53 -13.81 12.01
C GLY A 52 11.76 -14.28 12.76
N THR A 53 12.91 -13.73 12.44
CA THR A 53 14.17 -14.04 13.12
C THR A 53 14.87 -12.75 13.53
N VAL A 54 14.08 -11.72 13.88
CA VAL A 54 14.60 -10.45 14.33
C VAL A 54 15.13 -10.50 15.76
N ALA A 55 14.40 -11.25 16.63
CA ALA A 55 14.83 -11.33 18.02
C ALA A 55 16.21 -11.94 18.18
N GLU A 56 16.65 -12.77 17.24
N GLU A 56 16.59 -12.81 17.25
CA GLU A 56 17.96 -13.41 17.27
CA GLU A 56 17.91 -13.45 17.35
C GLU A 56 19.08 -12.37 17.44
C GLU A 56 19.01 -12.40 17.41
N VAL A 57 18.89 -11.24 16.76
CA VAL A 57 19.86 -10.17 16.80
C VAL A 57 19.45 -8.96 17.62
N LEU A 58 18.13 -8.65 17.78
CA LEU A 58 17.72 -7.46 18.48
C LEU A 58 17.12 -7.68 19.86
N GLY A 59 16.90 -8.93 20.28
CA GLY A 59 16.46 -9.18 21.64
C GLY A 59 14.96 -9.32 21.87
N LYS A 60 14.58 -9.37 23.15
CA LYS A 60 13.26 -9.64 23.64
C LYS A 60 12.12 -8.75 23.17
N ASP A 61 12.42 -7.52 22.78
CA ASP A 61 11.37 -6.63 22.30
C ASP A 61 10.77 -7.13 21.00
N PHE A 62 11.43 -8.06 20.28
CA PHE A 62 10.96 -8.57 18.99
C PHE A 62 10.47 -10.02 19.04
N VAL A 63 10.27 -10.61 20.23
CA VAL A 63 9.75 -11.99 20.28
C VAL A 63 8.32 -12.09 19.76
N LYS A 64 7.42 -11.22 20.27
N LYS A 64 7.45 -11.20 20.24
CA LYS A 64 6.03 -11.32 19.81
CA LYS A 64 6.05 -11.20 19.82
C LYS A 64 5.97 -11.07 18.30
C LYS A 64 5.95 -11.06 18.30
N PHE A 65 6.71 -10.10 17.79
CA PHE A 65 6.81 -9.86 16.35
C PHE A 65 7.17 -11.15 15.60
N ASP A 66 8.27 -11.78 15.99
CA ASP A 66 8.75 -13.00 15.30
C ASP A 66 7.70 -14.10 15.33
N LYS A 67 7.04 -14.30 16.51
CA LYS A 67 5.99 -15.32 16.58
C LYS A 67 4.84 -14.99 15.62
N ASP A 68 4.49 -13.69 15.62
CA ASP A 68 3.38 -13.30 14.75
C ASP A 68 3.71 -13.55 13.27
N ILE A 69 4.92 -13.23 12.86
CA ILE A 69 5.33 -13.51 11.48
C ILE A 69 5.26 -15.02 11.19
N ARG A 70 5.84 -15.85 12.07
CA ARG A 70 5.85 -17.29 11.76
C ARG A 70 4.46 -17.89 11.77
N ARG A 71 3.58 -17.36 12.67
CA ARG A 71 2.20 -17.89 12.68
C ARG A 71 1.39 -17.52 11.45
N ASN A 72 1.83 -16.48 10.71
CA ASN A 72 1.06 -16.04 9.55
C ASN A 72 1.50 -16.62 8.24
N TYR A 73 2.35 -17.66 8.18
CA TYR A 73 2.69 -18.32 6.94
C TYR A 73 3.06 -19.78 7.13
N TRP A 74 3.28 -20.50 6.03
CA TRP A 74 3.63 -21.93 6.09
C TRP A 74 4.81 -22.09 5.15
N PRO A 75 6.01 -21.93 5.70
CA PRO A 75 7.23 -21.91 4.91
C PRO A 75 7.47 -23.11 4.03
N ASP A 76 7.11 -24.29 4.49
CA ASP A 76 7.34 -25.50 3.68
C ASP A 76 6.55 -25.46 2.38
N ALA A 77 5.41 -24.79 2.41
CA ALA A 77 4.58 -24.65 1.19
C ALA A 77 5.26 -23.75 0.18
N ILE A 78 5.92 -22.69 0.68
CA ILE A 78 6.67 -21.81 -0.23
C ILE A 78 7.83 -22.58 -0.84
N ARG A 79 8.48 -23.41 0.02
CA ARG A 79 9.58 -24.23 -0.54
C ARG A 79 9.06 -25.20 -1.59
N ALA A 80 7.89 -25.76 -1.41
CA ALA A 80 7.29 -26.66 -2.38
C ALA A 80 7.02 -25.97 -3.71
N GLN A 81 6.61 -24.71 -3.66
CA GLN A 81 6.38 -23.91 -4.86
C GLN A 81 7.68 -23.69 -5.63
N ILE A 82 8.75 -23.41 -4.88
CA ILE A 82 10.06 -23.21 -5.49
C ILE A 82 10.53 -24.51 -6.15
N ALA A 83 10.30 -25.64 -5.48
CA ALA A 83 10.74 -26.95 -6.02
C ALA A 83 10.02 -27.31 -7.29
N ALA A 84 8.87 -26.77 -7.56
CA ALA A 84 8.08 -27.05 -8.74
C ALA A 84 8.49 -26.16 -9.93
N LEU A 85 9.36 -25.18 -9.72
CA LEU A 85 9.70 -24.29 -10.83
C LEU A 85 10.49 -24.98 -11.93
N SER A 86 10.31 -24.46 -13.14
CA SER A 86 11.14 -24.91 -14.25
C SER A 86 12.56 -24.45 -13.99
N PRO A 87 13.53 -24.99 -14.70
CA PRO A 87 14.90 -24.57 -14.58
C PRO A 87 15.07 -23.08 -14.86
N GLU A 88 14.39 -22.56 -15.89
CA GLU A 88 14.49 -21.15 -16.24
C GLU A 88 14.01 -20.26 -15.12
N ASP A 89 12.84 -20.60 -14.54
CA ASP A 89 12.31 -19.77 -13.46
C ASP A 89 13.18 -19.86 -12.23
N MET A 90 13.63 -21.08 -11.91
CA MET A 90 14.53 -21.24 -10.76
C MET A 90 15.80 -20.43 -10.93
N SER A 91 16.30 -20.26 -12.17
CA SER A 91 17.49 -19.50 -12.42
C SER A 91 17.38 -18.04 -11.97
N ILE A 92 16.14 -17.52 -11.96
CA ILE A 92 15.96 -16.12 -11.49
C ILE A 92 16.34 -16.03 -10.00
N LEU A 93 15.73 -16.91 -9.20
CA LEU A 93 15.96 -16.90 -7.76
C LEU A 93 17.36 -17.37 -7.39
N GLN A 94 17.82 -18.42 -8.09
CA GLN A 94 19.18 -18.93 -7.79
C GLN A 94 20.29 -17.93 -8.18
N GLY A 95 20.11 -17.34 -9.40
CA GLY A 95 21.10 -16.33 -9.76
C GLY A 95 21.16 -15.18 -8.77
N TYR A 96 19.99 -14.66 -8.36
CA TYR A 96 19.95 -13.55 -7.42
C TYR A 96 20.67 -13.89 -6.11
N ALA A 97 20.29 -15.07 -5.56
CA ALA A 97 20.95 -15.48 -4.31
C ALA A 97 22.46 -15.66 -4.48
N ASP A 98 22.87 -16.27 -5.60
CA ASP A 98 24.28 -16.52 -5.85
C ASP A 98 25.08 -15.23 -6.03
N GLY A 99 24.45 -14.21 -6.62
CA GLY A 99 25.10 -12.90 -6.77
C GLY A 99 25.23 -12.20 -5.43
N MET A 100 24.16 -12.20 -4.61
N MET A 100 24.16 -12.26 -4.64
CA MET A 100 24.33 -11.62 -3.28
CA MET A 100 24.24 -11.69 -3.29
C MET A 100 25.47 -12.34 -2.53
C MET A 100 25.40 -12.35 -2.54
N ASN A 101 25.49 -13.69 -2.63
CA ASN A 101 26.52 -14.42 -1.89
C ASN A 101 27.93 -14.11 -2.37
N ALA A 102 28.12 -13.86 -3.64
CA ALA A 102 29.48 -13.51 -4.07
C ALA A 102 29.94 -12.25 -3.39
N TRP A 103 29.11 -11.21 -3.19
CA TRP A 103 29.50 -9.99 -2.52
C TRP A 103 29.63 -10.21 -1.01
N ILE A 104 28.67 -10.95 -0.43
CA ILE A 104 28.70 -11.24 1.01
C ILE A 104 30.00 -11.94 1.38
N ASP A 105 30.41 -12.92 0.53
CA ASP A 105 31.69 -13.60 0.80
C ASP A 105 32.85 -12.62 0.73
N LYS A 106 32.83 -11.64 -0.18
CA LYS A 106 33.88 -10.61 -0.20
C LYS A 106 33.85 -9.75 1.05
N VAL A 107 32.64 -9.37 1.50
CA VAL A 107 32.48 -8.61 2.72
C VAL A 107 33.10 -9.32 3.91
N ASN A 108 32.75 -10.61 4.07
CA ASN A 108 33.27 -11.37 5.22
C ASN A 108 34.74 -11.73 5.08
N THR A 109 35.34 -11.57 3.91
CA THR A 109 36.77 -11.83 3.74
C THR A 109 37.56 -10.58 4.08
N ASN A 110 37.01 -9.39 3.83
CA ASN A 110 37.64 -8.13 4.16
C ASN A 110 36.68 -7.16 4.85
N PRO A 111 36.24 -7.55 6.03
CA PRO A 111 35.26 -6.73 6.77
C PRO A 111 35.77 -5.40 7.20
N GLU A 112 37.10 -5.28 7.39
CA GLU A 112 37.66 -4.01 7.84
C GLU A 112 37.41 -2.85 6.90
N THR A 113 37.17 -3.12 5.62
CA THR A 113 36.81 -2.07 4.70
C THR A 113 35.44 -2.27 4.07
N LEU A 114 34.92 -3.50 4.00
CA LEU A 114 33.69 -3.71 3.27
C LEU A 114 32.44 -3.96 4.09
N LEU A 115 32.54 -4.25 5.37
CA LEU A 115 31.33 -4.54 6.16
C LEU A 115 30.56 -3.26 6.48
N PRO A 116 29.29 -3.22 6.09
CA PRO A 116 28.47 -2.05 6.43
C PRO A 116 28.56 -1.77 7.91
N LYS A 117 28.74 -0.52 8.31
N LYS A 117 28.71 -0.52 8.31
CA LYS A 117 28.90 -0.11 9.70
CA LYS A 117 28.86 -0.09 9.69
C LYS A 117 27.80 -0.62 10.60
C LYS A 117 27.79 -0.67 10.62
N GLN A 118 26.57 -0.69 10.10
CA GLN A 118 25.44 -1.18 10.90
C GLN A 118 25.64 -2.56 11.45
N PHE A 119 26.36 -3.48 10.76
CA PHE A 119 26.65 -4.79 11.34
C PHE A 119 27.50 -4.71 12.61
N ASN A 120 28.45 -3.78 12.57
CA ASN A 120 29.25 -3.57 13.78
C ASN A 120 28.37 -2.97 14.88
N THR A 121 27.56 -1.97 14.53
CA THR A 121 26.66 -1.36 15.51
C THR A 121 25.73 -2.34 16.18
N PHE A 122 25.10 -3.20 15.40
CA PHE A 122 24.14 -4.16 15.90
C PHE A 122 24.73 -5.49 16.32
N GLY A 123 26.04 -5.69 16.13
CA GLY A 123 26.74 -6.85 16.65
C GLY A 123 26.61 -8.19 15.98
N PHE A 124 26.52 -8.20 14.65
CA PHE A 124 26.46 -9.53 14.01
C PHE A 124 27.00 -9.39 12.58
N THR A 125 27.18 -10.52 11.91
CA THR A 125 27.70 -10.50 10.52
C THR A 125 26.73 -11.21 9.60
N PRO A 126 26.69 -10.82 8.33
CA PRO A 126 25.79 -11.39 7.34
C PRO A 126 26.11 -12.82 6.92
N LYS A 127 25.11 -13.64 6.71
CA LYS A 127 25.29 -15.00 6.20
C LYS A 127 24.71 -15.07 4.79
N ARG A 128 25.03 -16.12 4.05
CA ARG A 128 24.61 -16.34 2.70
C ARG A 128 23.11 -16.51 2.59
N TRP A 129 22.61 -16.38 1.35
CA TRP A 129 21.24 -16.46 0.95
C TRP A 129 20.94 -17.64 0.05
N GLU A 130 19.72 -18.18 0.10
CA GLU A 130 19.23 -19.21 -0.81
C GLU A 130 17.99 -18.71 -1.53
N PRO A 131 17.53 -19.36 -2.58
CA PRO A 131 16.33 -18.99 -3.31
C PRO A 131 15.15 -18.74 -2.39
N PHE A 132 14.87 -19.54 -1.39
CA PHE A 132 13.75 -19.35 -0.46
C PHE A 132 13.83 -17.96 0.15
N ASP A 133 15.01 -17.51 0.54
CA ASP A 133 15.16 -16.20 1.18
C ASP A 133 14.77 -15.09 0.24
N VAL A 134 15.22 -15.17 -1.00
CA VAL A 134 14.90 -14.16 -2.00
C VAL A 134 13.41 -14.14 -2.20
N ALA A 135 12.77 -15.30 -2.39
CA ALA A 135 11.36 -15.41 -2.53
C ALA A 135 10.63 -14.80 -1.35
N MET A 136 11.08 -15.05 -0.13
CA MET A 136 10.41 -14.54 1.06
C MET A 136 10.48 -13.03 1.22
N ILE A 137 11.47 -12.37 0.65
CA ILE A 137 11.45 -10.88 0.72
C ILE A 137 10.16 -10.41 0.05
N PHE A 138 9.80 -10.95 -1.09
CA PHE A 138 8.56 -10.62 -1.78
C PHE A 138 7.35 -11.14 -0.99
N VAL A 139 7.36 -12.46 -0.72
CA VAL A 139 6.18 -13.08 -0.12
C VAL A 139 5.86 -12.40 1.20
N GLY A 140 6.87 -12.08 2.03
CA GLY A 140 6.66 -11.50 3.33
C GLY A 140 6.29 -10.04 3.35
N THR A 141 6.41 -9.39 2.17
CA THR A 141 6.00 -7.99 2.11
C THR A 141 4.73 -7.91 1.26
N MET A 142 4.82 -8.05 -0.03
CA MET A 142 3.65 -7.93 -0.88
C MET A 142 2.51 -8.84 -0.51
N ALA A 143 2.75 -10.11 -0.26
CA ALA A 143 1.69 -11.03 0.01
C ALA A 143 1.23 -11.04 1.46
N ASN A 144 2.14 -11.46 2.36
CA ASN A 144 1.76 -11.68 3.76
C ASN A 144 1.47 -10.40 4.51
N ARG A 145 1.76 -9.24 3.99
CA ARG A 145 1.42 -7.97 4.60
C ARG A 145 0.56 -7.11 3.73
N PHE A 146 0.79 -6.97 2.41
CA PHE A 146 0.00 -6.07 1.58
C PHE A 146 -1.12 -6.71 0.77
N SER A 147 -1.43 -7.99 0.98
CA SER A 147 -2.52 -8.69 0.30
C SER A 147 -3.26 -9.60 1.29
N ASP A 148 -3.14 -9.30 2.58
CA ASP A 148 -3.62 -10.18 3.66
C ASP A 148 -4.46 -9.46 4.69
N SER A 149 -5.45 -8.69 4.22
CA SER A 149 -6.22 -7.87 5.12
C SER A 149 -7.64 -8.36 5.31
N THR A 150 -7.96 -8.65 6.58
CA THR A 150 -9.31 -9.03 6.97
C THR A 150 -9.53 -8.57 8.40
N SER A 151 -10.80 -8.27 8.71
CA SER A 151 -11.20 -7.96 10.07
C SER A 151 -12.51 -8.71 10.39
N GLU A 152 -12.73 -9.89 9.77
CA GLU A 152 -14.01 -10.53 9.97
C GLU A 152 -14.38 -10.90 11.39
N ILE A 153 -13.44 -11.27 12.22
CA ILE A 153 -13.78 -11.63 13.62
C ILE A 153 -14.24 -10.38 14.34
N ASP A 154 -13.54 -9.24 14.18
CA ASP A 154 -13.97 -7.96 14.73
C ASP A 154 -15.30 -7.52 14.14
N ASN A 155 -15.52 -7.73 12.84
CA ASN A 155 -16.78 -7.36 12.20
C ASN A 155 -17.92 -8.10 12.88
N LEU A 156 -17.75 -9.39 13.17
CA LEU A 156 -18.79 -10.18 13.81
C LEU A 156 -19.05 -9.66 15.20
N ALA A 157 -18.00 -9.25 15.91
CA ALA A 157 -18.19 -8.68 17.24
C ALA A 157 -18.94 -7.37 17.18
N LEU A 158 -18.66 -6.53 16.18
CA LEU A 158 -19.43 -5.30 15.99
C LEU A 158 -20.89 -5.59 15.67
N LEU A 159 -21.12 -6.53 14.77
CA LEU A 159 -22.50 -6.91 14.43
C LEU A 159 -23.24 -7.40 15.67
N THR A 160 -22.60 -8.24 16.47
CA THR A 160 -23.23 -8.76 17.70
C THR A 160 -23.58 -7.59 18.63
N ALA A 161 -22.66 -6.63 18.80
CA ALA A 161 -22.92 -5.49 19.68
C ALA A 161 -24.04 -4.62 19.10
N LEU A 162 -24.12 -4.44 17.79
CA LEU A 162 -25.18 -3.67 17.18
C LEU A 162 -26.53 -4.35 17.38
N LYS A 163 -26.59 -5.69 17.25
CA LYS A 163 -27.83 -6.41 17.49
C LYS A 163 -28.23 -6.31 18.95
N ASP A 164 -27.29 -6.29 19.89
N ASP A 164 -27.25 -6.30 19.86
CA ASP A 164 -27.61 -6.18 21.32
CA ASP A 164 -27.61 -6.18 21.27
C ASP A 164 -28.13 -4.78 21.65
C ASP A 164 -28.29 -4.82 21.46
N LYS A 165 -27.69 -3.77 20.91
CA LYS A 165 -28.15 -2.41 21.12
C LYS A 165 -29.45 -2.10 20.40
N TYR A 166 -29.60 -2.48 19.15
CA TYR A 166 -30.71 -2.14 18.30
C TYR A 166 -31.72 -3.23 17.98
N GLY A 167 -31.46 -4.46 18.34
CA GLY A 167 -32.29 -5.58 17.95
C GLY A 167 -31.71 -6.24 16.70
N VAL A 168 -32.19 -7.43 16.38
CA VAL A 168 -31.60 -8.23 15.30
C VAL A 168 -31.67 -7.52 13.95
N SER A 169 -32.87 -7.09 13.58
CA SER A 169 -33.05 -6.47 12.26
C SER A 169 -32.38 -5.11 12.13
N GLN A 170 -32.61 -4.25 13.11
CA GLN A 170 -32.02 -2.91 13.07
C GLN A 170 -30.53 -3.02 13.24
N GLY A 171 -30.03 -3.96 14.03
CA GLY A 171 -28.58 -4.10 14.20
C GLY A 171 -27.96 -4.53 12.88
N MET A 172 -28.53 -5.41 12.12
CA MET A 172 -27.99 -5.81 10.83
C MET A 172 -28.03 -4.59 9.88
N ALA A 173 -29.13 -3.82 9.90
CA ALA A 173 -29.25 -2.64 9.04
C ALA A 173 -28.24 -1.55 9.44
N VAL A 174 -27.93 -1.36 10.69
CA VAL A 174 -26.92 -0.39 11.11
C VAL A 174 -25.55 -0.91 10.66
N PHE A 175 -25.30 -2.22 10.74
CA PHE A 175 -24.04 -2.75 10.20
C PHE A 175 -23.94 -2.42 8.74
N ASN A 176 -25.02 -2.52 7.96
CA ASN A 176 -25.01 -2.22 6.56
C ASN A 176 -24.88 -0.71 6.28
N GLN A 177 -25.13 0.14 7.24
CA GLN A 177 -24.93 1.58 7.17
C GLN A 177 -23.50 2.00 7.47
N LEU A 178 -22.83 1.30 8.36
CA LEU A 178 -21.48 1.60 8.78
C LEU A 178 -20.43 0.87 7.94
N LYS A 179 -20.75 -0.34 7.50
CA LYS A 179 -19.84 -1.20 6.76
C LYS A 179 -20.57 -1.77 5.57
N TRP A 180 -21.08 -0.91 4.68
CA TRP A 180 -21.84 -1.33 3.52
C TRP A 180 -21.05 -2.32 2.67
N LEU A 181 -21.71 -3.24 2.00
CA LEU A 181 -21.04 -4.17 1.10
C LEU A 181 -20.59 -3.38 -0.11
N VAL A 182 -21.49 -2.70 -0.79
CA VAL A 182 -21.16 -1.81 -1.88
C VAL A 182 -21.95 -0.51 -1.72
N ASN A 183 -21.44 0.59 -2.26
CA ASN A 183 -22.09 1.91 -2.22
C ASN A 183 -22.01 2.40 -3.64
N PRO A 184 -23.14 2.55 -4.35
CA PRO A 184 -23.16 2.90 -5.74
C PRO A 184 -22.64 4.30 -6.04
N SER A 185 -22.51 5.18 -5.05
N SER A 185 -22.51 5.15 -5.04
CA SER A 185 -21.95 6.50 -5.34
CA SER A 185 -21.96 6.47 -5.19
C SER A 185 -20.43 6.51 -5.22
C SER A 185 -20.44 6.49 -5.27
N ALA A 186 -19.79 5.38 -4.93
CA ALA A 186 -18.32 5.41 -4.88
C ALA A 186 -17.70 5.71 -6.22
N PRO A 187 -16.77 6.67 -6.29
CA PRO A 187 -16.01 6.94 -7.50
C PRO A 187 -15.23 5.69 -7.93
N THR A 188 -15.34 5.22 -9.15
CA THR A 188 -14.74 4.02 -9.66
C THR A 188 -13.75 4.28 -10.77
N THR A 189 -12.58 3.64 -10.64
CA THR A 189 -11.51 3.82 -11.65
C THR A 189 -12.02 3.59 -13.07
N ILE A 190 -12.81 2.52 -13.22
CA ILE A 190 -13.48 2.19 -14.47
C ILE A 190 -14.87 2.84 -14.43
N ALA A 191 -15.17 3.65 -15.45
CA ALA A 191 -16.49 4.30 -15.49
C ALA A 191 -17.58 3.26 -15.75
N VAL A 192 -18.79 3.54 -15.28
CA VAL A 192 -19.93 2.63 -15.43
C VAL A 192 -20.27 2.34 -16.88
N GLN A 193 -20.03 3.34 -17.75
N GLN A 193 -20.03 3.28 -17.81
CA GLN A 193 -20.29 3.10 -19.17
CA GLN A 193 -20.33 3.01 -19.22
C GLN A 193 -19.49 1.89 -19.68
C GLN A 193 -19.44 1.90 -19.81
N GLU A 194 -18.27 1.72 -19.18
CA GLU A 194 -17.39 0.67 -19.66
C GLU A 194 -17.86 -0.71 -19.27
N SER A 195 -18.17 -0.84 -18.00
CA SER A 195 -18.53 -2.16 -17.43
C SER A 195 -18.92 -1.97 -15.97
N ASN A 196 -19.53 -3.01 -15.40
CA ASN A 196 -19.82 -3.07 -13.98
C ASN A 196 -19.59 -4.52 -13.52
N TYR A 197 -19.33 -4.71 -12.23
CA TYR A 197 -19.08 -6.06 -11.73
C TYR A 197 -20.40 -6.80 -11.70
N PRO A 198 -20.43 -8.03 -12.21
CA PRO A 198 -21.69 -8.72 -12.38
C PRO A 198 -22.20 -9.52 -11.22
N LEU A 199 -21.47 -9.63 -10.15
CA LEU A 199 -21.95 -10.46 -9.04
C LEU A 199 -22.56 -9.61 -7.94
N LYS A 200 -23.59 -10.16 -7.32
CA LYS A 200 -24.27 -9.57 -6.17
C LYS A 200 -24.00 -10.49 -4.97
N PHE A 201 -23.71 -9.91 -3.82
CA PHE A 201 -23.36 -10.65 -2.62
C PHE A 201 -24.41 -10.55 -1.53
N ASN A 202 -24.49 -11.62 -0.73
CA ASN A 202 -25.35 -11.61 0.45
C ASN A 202 -24.86 -10.50 1.38
N GLN A 203 -25.79 -9.81 2.00
CA GLN A 203 -25.48 -8.73 2.92
C GLN A 203 -26.20 -8.86 4.24
N GLN A 204 -26.57 -10.08 4.65
CA GLN A 204 -27.20 -10.26 5.93
C GLN A 204 -26.68 -11.48 6.66
N ASN A 205 -25.37 -11.76 6.48
CA ASN A 205 -24.77 -12.88 7.22
C ASN A 205 -25.53 -14.19 7.07
N SER A 206 -25.97 -14.51 5.86
CA SER A 206 -26.76 -15.72 5.69
C SER A 206 -26.00 -17.04 5.83
N GLN A 207 -24.68 -17.01 5.94
CA GLN A 207 -23.91 -18.23 6.17
C GLN A 207 -24.30 -18.89 7.48
N THR A 208 -24.87 -18.15 8.44
CA THR A 208 -25.28 -18.77 9.71
C THR A 208 -26.77 -18.60 9.93
N ALA A 209 -27.54 -18.31 8.92
CA ALA A 209 -28.98 -18.18 9.08
C ALA A 209 -29.57 -19.58 9.30
N SER B 1 -1.77 4.89 -2.05
CA SER B 1 -1.03 4.94 -3.33
C SER B 1 -1.87 5.53 -4.45
N ASN B 2 -1.27 6.38 -5.29
CA ASN B 2 -2.01 6.94 -6.41
C ASN B 2 -1.35 6.64 -7.73
N MET B 3 -2.11 6.82 -8.80
CA MET B 3 -1.71 6.61 -10.15
C MET B 3 -2.67 7.37 -11.07
N TRP B 4 -2.10 8.03 -12.09
CA TRP B 4 -2.91 8.56 -13.17
C TRP B 4 -2.21 8.18 -14.47
N VAL B 5 -2.99 7.61 -15.37
CA VAL B 5 -2.54 7.18 -16.71
C VAL B 5 -3.35 8.04 -17.69
N ILE B 6 -2.66 8.84 -18.48
CA ILE B 6 -3.31 9.74 -19.44
C ILE B 6 -3.14 9.19 -20.83
N GLY B 7 -4.21 8.86 -21.53
CA GLY B 7 -4.08 8.29 -22.86
C GLY B 7 -4.09 9.34 -23.98
N LYS B 8 -4.09 8.77 -25.18
CA LYS B 8 -3.94 9.57 -26.38
C LYS B 8 -4.93 10.73 -26.45
N SER B 9 -6.18 10.53 -26.08
CA SER B 9 -7.15 11.62 -26.20
C SER B 9 -7.03 12.67 -25.11
N LYS B 10 -6.24 12.51 -24.07
CA LYS B 10 -6.11 13.45 -22.99
C LYS B 10 -4.69 14.02 -22.86
N ALA B 11 -3.73 13.47 -23.61
CA ALA B 11 -2.34 13.91 -23.48
C ALA B 11 -2.01 15.04 -24.46
N GLN B 12 -1.19 15.96 -23.99
CA GLN B 12 -0.75 17.08 -24.85
C GLN B 12 0.73 16.84 -25.14
N ASP B 13 1.09 16.89 -26.41
CA ASP B 13 2.46 16.77 -26.86
C ASP B 13 3.07 15.39 -26.59
N ALA B 14 2.24 14.37 -26.49
CA ALA B 14 2.66 12.99 -26.25
C ALA B 14 1.43 12.13 -26.52
N LYS B 15 1.60 10.81 -26.69
CA LYS B 15 0.51 9.90 -26.88
C LYS B 15 0.04 9.29 -25.54
N ALA B 16 0.89 9.17 -24.52
CA ALA B 16 0.41 8.63 -23.23
C ALA B 16 1.41 9.08 -22.17
N ILE B 17 0.90 9.28 -20.96
CA ILE B 17 1.69 9.70 -19.81
C ILE B 17 1.21 8.88 -18.59
N MET B 18 2.17 8.26 -17.90
CA MET B 18 1.89 7.47 -16.70
C MET B 18 2.63 8.06 -15.51
N VAL B 19 1.86 8.42 -14.45
CA VAL B 19 2.46 9.01 -13.26
C VAL B 19 1.99 8.20 -12.04
N ASN B 20 2.93 7.55 -11.35
CA ASN B 20 2.65 6.70 -10.22
C ASN B 20 3.26 7.22 -8.93
N GLY B 21 2.50 7.11 -7.84
CA GLY B 21 2.92 7.50 -6.51
C GLY B 21 2.55 6.45 -5.49
N PRO B 22 3.21 5.33 -5.48
CA PRO B 22 2.93 4.25 -4.51
C PRO B 22 3.31 4.71 -3.13
N GLN B 23 2.42 4.57 -2.15
CA GLN B 23 2.58 5.05 -0.80
C GLN B 23 2.72 3.87 0.16
N PHE B 24 3.98 3.74 0.59
CA PHE B 24 4.37 2.69 1.51
C PHE B 24 4.87 3.25 2.84
N GLY B 25 4.83 4.59 3.03
CA GLY B 25 5.54 5.25 4.11
C GLY B 25 6.93 5.65 3.60
N TRP B 26 7.73 6.24 4.49
CA TRP B 26 9.03 6.78 4.13
C TRP B 26 10.11 6.25 5.05
N TYR B 27 11.18 5.75 4.40
CA TYR B 27 12.22 5.04 5.11
C TYR B 27 13.62 5.41 4.63
N ALA B 28 14.58 5.20 5.52
CA ALA B 28 15.99 5.37 5.24
C ALA B 28 16.72 4.06 5.63
N PRO B 29 17.41 3.41 4.73
CA PRO B 29 17.54 3.72 3.31
C PRO B 29 16.23 3.52 2.56
N ALA B 30 16.18 3.96 1.32
CA ALA B 30 14.98 4.03 0.51
C ALA B 30 14.18 2.76 0.43
N TYR B 31 12.87 2.89 0.38
CA TYR B 31 11.97 1.72 0.31
C TYR B 31 12.23 0.99 -0.97
N THR B 32 12.42 1.69 -2.12
CA THR B 32 12.64 1.09 -3.40
C THR B 32 14.11 1.22 -3.83
N TYR B 33 14.43 0.43 -4.85
CA TYR B 33 15.76 0.21 -5.38
C TYR B 33 15.78 0.41 -6.89
N GLY B 34 16.64 1.36 -7.37
CA GLY B 34 16.77 1.65 -8.77
C GLY B 34 17.58 0.55 -9.50
N ILE B 35 17.14 0.11 -10.65
CA ILE B 35 17.81 -0.99 -11.33
C ILE B 35 17.38 -1.05 -12.78
N GLY B 36 18.38 -1.33 -13.63
CA GLY B 36 18.20 -1.61 -15.04
C GLY B 36 18.68 -3.04 -15.37
N LEU B 37 17.91 -3.78 -16.16
CA LEU B 37 18.30 -5.17 -16.50
C LEU B 37 18.26 -5.31 -18.00
N HIS B 38 19.37 -5.82 -18.58
CA HIS B 38 19.53 -5.86 -20.01
C HIS B 38 20.17 -7.17 -20.47
N GLY B 39 19.39 -8.00 -21.12
CA GLY B 39 19.86 -9.32 -21.59
C GLY B 39 18.86 -10.38 -21.17
N ALA B 40 19.06 -11.59 -21.74
CA ALA B 40 18.22 -12.74 -21.43
C ALA B 40 16.72 -12.50 -21.62
N GLY B 41 16.43 -11.66 -22.62
CA GLY B 41 15.09 -11.30 -22.99
C GLY B 41 14.57 -10.01 -22.33
N TYR B 42 15.32 -9.42 -21.41
CA TYR B 42 14.90 -8.20 -20.72
C TYR B 42 15.60 -6.96 -21.27
N ASP B 43 14.84 -5.84 -21.19
CA ASP B 43 15.50 -4.52 -21.47
C ASP B 43 14.63 -3.53 -20.68
N VAL B 44 14.94 -3.35 -19.42
CA VAL B 44 14.07 -2.59 -18.52
C VAL B 44 14.80 -1.61 -17.64
N THR B 45 14.09 -0.59 -17.14
CA THR B 45 14.58 0.40 -16.24
C THR B 45 13.47 0.84 -15.29
N GLY B 46 13.83 1.13 -14.05
CA GLY B 46 12.86 1.63 -13.07
C GLY B 46 13.36 1.45 -11.64
N ASN B 47 12.38 1.27 -10.72
CA ASN B 47 12.79 1.05 -9.31
C ASN B 47 11.73 0.10 -8.75
N THR B 48 12.07 -0.57 -7.65
CA THR B 48 11.16 -1.60 -7.11
C THR B 48 11.40 -1.82 -5.64
N PRO B 49 10.36 -2.11 -4.88
CA PRO B 49 10.47 -2.31 -3.43
C PRO B 49 11.40 -3.48 -3.11
N PHE B 50 12.27 -3.28 -2.13
CA PHE B 50 13.15 -4.34 -1.62
C PHE B 50 13.90 -5.04 -2.74
N ALA B 51 14.20 -4.37 -3.83
CA ALA B 51 14.95 -4.96 -4.94
C ALA B 51 14.36 -6.29 -5.36
N TYR B 52 13.02 -6.45 -5.46
CA TYR B 52 12.49 -7.72 -5.97
C TYR B 52 13.04 -8.00 -7.36
N PRO B 53 13.09 -9.25 -7.79
CA PRO B 53 13.47 -9.59 -9.15
C PRO B 53 12.62 -8.86 -10.20
N GLY B 54 11.34 -8.68 -9.93
CA GLY B 54 10.45 -7.97 -10.85
C GLY B 54 10.28 -6.51 -10.42
N LEU B 55 10.47 -5.60 -11.38
CA LEU B 55 10.32 -4.16 -11.14
C LEU B 55 8.84 -3.79 -11.13
N VAL B 56 8.39 -3.26 -9.97
CA VAL B 56 6.99 -2.86 -9.86
C VAL B 56 6.75 -1.54 -10.60
N PHE B 57 7.73 -0.69 -10.74
CA PHE B 57 7.64 0.64 -11.36
C PHE B 57 8.68 0.75 -12.46
N GLY B 58 8.22 0.79 -13.73
CA GLY B 58 9.28 0.84 -14.76
C GLY B 58 8.73 0.73 -16.15
N HIS B 59 9.64 0.60 -17.12
CA HIS B 59 9.25 0.45 -18.50
C HIS B 59 10.34 -0.34 -19.28
N ASN B 60 10.00 -0.77 -20.48
CA ASN B 60 10.91 -1.54 -21.32
C ASN B 60 11.12 -0.93 -22.70
N GLY B 61 10.77 0.35 -22.84
CA GLY B 61 10.95 1.04 -24.11
C GLY B 61 9.77 0.87 -25.06
N VAL B 62 8.81 0.00 -24.76
CA VAL B 62 7.63 -0.25 -25.57
C VAL B 62 6.37 -0.04 -24.72
N ILE B 63 6.34 -0.60 -23.52
CA ILE B 63 5.25 -0.44 -22.57
C ILE B 63 5.87 0.02 -21.25
N SER B 64 4.98 0.57 -20.38
CA SER B 64 5.32 0.92 -19.03
C SER B 64 4.23 0.35 -18.08
N TRP B 65 4.61 0.20 -16.80
CA TRP B 65 3.68 -0.39 -15.85
C TRP B 65 3.86 0.23 -14.48
N GLY B 66 2.83 0.00 -13.64
CA GLY B 66 2.88 0.45 -12.25
C GLY B 66 1.77 -0.27 -11.46
N SER B 67 1.75 0.07 -10.17
CA SER B 67 0.77 -0.61 -9.30
C SER B 67 0.28 0.34 -8.20
N THR B 68 -0.89 0.04 -7.65
CA THR B 68 -1.41 0.57 -6.39
C THR B 68 -2.04 -0.64 -5.66
N ALA B 69 -2.09 -0.61 -4.31
CA ALA B 69 -2.77 -1.75 -3.63
C ALA B 69 -4.21 -1.89 -4.11
N GLY B 70 -4.63 -3.15 -4.24
CA GLY B 70 -5.99 -3.38 -4.73
C GLY B 70 -7.09 -3.27 -3.72
N PHE B 71 -6.89 -3.76 -2.51
CA PHE B 71 -7.93 -3.73 -1.50
C PHE B 71 -9.22 -4.45 -1.88
N GLY B 72 -9.13 -5.52 -2.67
CA GLY B 72 -10.26 -6.40 -2.84
C GLY B 72 -10.36 -7.37 -1.66
N ASP B 73 -11.53 -7.99 -1.56
CA ASP B 73 -11.70 -8.96 -0.47
C ASP B 73 -11.33 -10.36 -0.97
N ASP B 74 -10.05 -10.67 -0.70
CA ASP B 74 -9.49 -11.96 -1.11
C ASP B 74 -9.15 -12.82 0.10
N VAL B 75 -9.70 -12.50 1.28
CA VAL B 75 -9.44 -13.22 2.52
C VAL B 75 -10.69 -13.47 3.32
N ASP B 76 -11.06 -14.66 3.68
CA ASP B 76 -12.20 -14.99 4.49
C ASP B 76 -11.73 -15.83 5.67
N ILE B 77 -12.46 -15.78 6.78
CA ILE B 77 -12.14 -16.53 7.98
C ILE B 77 -13.14 -17.66 8.14
N PHE B 78 -12.61 -18.88 8.29
CA PHE B 78 -13.43 -20.05 8.54
C PHE B 78 -13.42 -20.43 10.02
N ALA B 79 -14.60 -20.58 10.60
CA ALA B 79 -14.75 -20.97 12.00
C ALA B 79 -14.78 -22.51 12.05
N GLU B 80 -13.66 -23.09 12.51
CA GLU B 80 -13.55 -24.56 12.53
C GLU B 80 -14.19 -25.14 13.80
N ARG B 81 -14.85 -26.27 13.60
CA ARG B 81 -15.51 -26.97 14.71
C ARG B 81 -14.52 -27.94 15.33
N LEU B 82 -14.25 -27.66 16.61
CA LEU B 82 -13.34 -28.52 17.36
C LEU B 82 -14.15 -29.43 18.30
N SER B 83 -13.39 -30.29 18.97
CA SER B 83 -13.93 -31.16 20.01
C SER B 83 -12.89 -31.35 21.11
N ALA B 84 -13.37 -31.19 22.34
CA ALA B 84 -12.53 -31.39 23.52
C ALA B 84 -12.15 -32.86 23.58
N GLU B 85 -12.94 -33.77 22.98
CA GLU B 85 -12.57 -35.18 22.99
C GLU B 85 -11.41 -35.49 22.08
N LYS B 86 -11.16 -34.64 21.05
CA LYS B 86 -10.14 -34.92 20.05
C LYS B 86 -9.32 -33.67 19.74
N PRO B 87 -8.44 -33.35 20.66
CA PRO B 87 -7.59 -32.17 20.55
C PRO B 87 -6.77 -32.28 19.27
N GLY B 88 -6.67 -31.17 18.52
CA GLY B 88 -5.90 -31.20 17.28
C GLY B 88 -6.63 -31.66 16.04
N TYR B 89 -7.94 -31.90 16.14
CA TYR B 89 -8.77 -32.29 15.01
C TYR B 89 -9.89 -31.27 14.84
N TYR B 90 -10.45 -31.25 13.64
CA TYR B 90 -11.60 -30.42 13.32
C TYR B 90 -12.53 -31.20 12.39
N LEU B 91 -13.79 -30.81 12.43
CA LEU B 91 -14.83 -31.47 11.64
C LEU B 91 -14.95 -30.91 10.26
N HIS B 92 -14.73 -31.73 9.25
CA HIS B 92 -14.80 -31.29 7.86
C HIS B 92 -15.36 -32.38 6.97
N ASN B 93 -16.46 -32.08 6.28
CA ASN B 93 -17.13 -33.02 5.39
C ASN B 93 -17.49 -34.32 6.07
N GLY B 94 -17.99 -34.24 7.32
CA GLY B 94 -18.46 -35.41 8.05
C GLY B 94 -17.43 -36.24 8.75
N LYS B 95 -16.18 -35.85 8.69
CA LYS B 95 -15.07 -36.55 9.30
C LYS B 95 -14.23 -35.66 10.20
N TRP B 96 -13.64 -36.27 11.24
CA TRP B 96 -12.72 -35.56 12.12
C TRP B 96 -11.34 -35.64 11.45
N VAL B 97 -10.79 -34.53 11.03
CA VAL B 97 -9.57 -34.37 10.28
C VAL B 97 -8.46 -33.81 11.14
N LYS B 98 -7.26 -34.38 10.99
CA LYS B 98 -6.14 -33.90 11.76
C LYS B 98 -5.62 -32.57 11.21
N MET B 99 -5.41 -31.65 12.15
CA MET B 99 -4.76 -30.39 11.74
C MET B 99 -3.30 -30.68 11.43
N LEU B 100 -2.72 -29.89 10.53
CA LEU B 100 -1.28 -29.90 10.30
C LEU B 100 -0.68 -28.97 11.35
N SER B 101 0.50 -29.27 11.88
CA SER B 101 1.14 -28.43 12.86
C SER B 101 2.64 -28.46 12.66
N ARG B 102 3.30 -27.40 13.13
CA ARG B 102 4.74 -27.34 13.15
C ARG B 102 5.20 -26.60 14.41
N GLU B 103 6.35 -26.97 14.92
CA GLU B 103 6.94 -26.31 16.08
C GLU B 103 7.96 -25.30 15.57
N GLU B 104 8.00 -24.15 16.22
CA GLU B 104 8.95 -23.09 15.90
C GLU B 104 9.62 -22.61 17.19
N THR B 105 10.93 -22.38 17.13
CA THR B 105 11.64 -21.86 18.30
C THR B 105 12.21 -20.49 17.89
N ILE B 106 11.87 -19.49 18.69
CA ILE B 106 12.40 -18.15 18.52
C ILE B 106 13.69 -18.01 19.35
N THR B 107 14.84 -17.87 18.70
CA THR B 107 16.09 -17.61 19.43
C THR B 107 16.11 -16.14 19.76
N VAL B 108 16.62 -15.73 20.92
CA VAL B 108 16.56 -14.39 21.44
C VAL B 108 17.91 -13.86 21.89
N LYS B 109 18.40 -12.77 21.31
N LYS B 109 18.39 -12.78 21.27
CA LYS B 109 19.67 -12.16 21.71
CA LYS B 109 19.68 -12.23 21.73
C LYS B 109 19.60 -11.73 23.18
C LYS B 109 19.50 -11.86 23.20
N ASN B 110 20.43 -12.31 24.04
CA ASN B 110 20.45 -11.99 25.45
C ASN B 110 19.18 -12.38 26.20
N GLY B 111 18.50 -13.43 25.78
CA GLY B 111 17.37 -13.98 26.46
C GLY B 111 17.17 -15.45 26.13
N GLN B 112 16.13 -15.95 26.77
CA GLN B 112 15.74 -17.33 26.65
C GLN B 112 14.87 -17.58 25.44
N ALA B 113 15.15 -18.67 24.71
CA ALA B 113 14.35 -18.99 23.54
C ALA B 113 12.93 -19.40 23.93
N GLU B 114 12.01 -19.17 22.97
CA GLU B 114 10.60 -19.49 23.18
C GLU B 114 10.09 -20.35 22.04
N THR B 115 9.50 -21.48 22.39
CA THR B 115 8.97 -22.45 21.44
C THR B 115 7.44 -22.42 21.46
N PHE B 116 6.83 -22.49 20.28
CA PHE B 116 5.37 -22.49 20.17
C PHE B 116 5.00 -23.29 18.94
N THR B 117 3.72 -23.59 18.78
CA THR B 117 3.23 -24.38 17.64
C THR B 117 2.33 -23.53 16.73
N VAL B 118 2.50 -23.74 15.43
CA VAL B 118 1.62 -23.13 14.42
C VAL B 118 0.71 -24.22 13.91
N TRP B 119 -0.59 -24.04 13.83
CA TRP B 119 -1.57 -24.97 13.39
C TRP B 119 -2.22 -24.56 12.07
N ARG B 120 -2.56 -25.51 11.23
CA ARG B 120 -3.16 -25.20 9.93
C ARG B 120 -4.20 -26.22 9.56
N THR B 121 -5.26 -25.81 8.92
CA THR B 121 -6.33 -26.65 8.43
C THR B 121 -6.39 -26.54 6.92
N VAL B 122 -7.36 -27.21 6.29
CA VAL B 122 -7.64 -27.11 4.87
C VAL B 122 -7.94 -25.65 4.49
N HIS B 123 -8.39 -24.80 5.42
N HIS B 123 -8.41 -24.82 5.43
CA HIS B 123 -8.74 -23.41 5.19
CA HIS B 123 -8.72 -23.44 5.09
C HIS B 123 -7.69 -22.38 5.61
C HIS B 123 -7.50 -22.56 5.17
N GLY B 124 -6.54 -22.82 6.05
CA GLY B 124 -5.43 -21.91 6.30
C GLY B 124 -4.86 -22.01 7.70
N ASN B 125 -3.92 -21.14 8.05
CA ASN B 125 -3.37 -21.17 9.40
C ASN B 125 -4.38 -20.67 10.41
N ILE B 126 -4.26 -21.24 11.60
N ILE B 126 -4.37 -21.28 11.59
CA ILE B 126 -5.12 -20.87 12.72
CA ILE B 126 -5.30 -20.87 12.65
C ILE B 126 -4.64 -19.55 13.31
C ILE B 126 -4.72 -19.62 13.32
N LEU B 127 -5.58 -18.61 13.47
CA LEU B 127 -5.25 -17.33 14.07
C LEU B 127 -5.47 -17.25 15.58
N GLN B 128 -6.58 -17.89 15.97
CA GLN B 128 -7.00 -17.81 17.38
C GLN B 128 -8.02 -18.94 17.58
N THR B 129 -8.11 -19.36 18.84
N THR B 129 -8.11 -19.32 18.86
CA THR B 129 -8.99 -20.42 19.27
CA THR B 129 -8.97 -20.38 19.31
C THR B 129 -9.78 -20.03 20.53
C THR B 129 -9.79 -19.94 20.53
N ASP B 130 -11.06 -20.32 20.48
CA ASP B 130 -12.00 -20.05 21.57
C ASP B 130 -12.38 -21.42 22.13
N GLN B 131 -11.72 -21.73 23.25
CA GLN B 131 -11.91 -22.98 23.97
C GLN B 131 -13.29 -23.06 24.60
N THR B 132 -13.85 -21.88 24.90
CA THR B 132 -15.20 -21.83 25.47
C THR B 132 -16.18 -22.37 24.44
N THR B 133 -16.12 -21.94 23.18
CA THR B 133 -17.04 -22.45 22.17
C THR B 133 -16.47 -23.59 21.36
N GLN B 134 -15.26 -24.06 21.64
CA GLN B 134 -14.64 -25.12 20.82
C GLN B 134 -14.67 -24.75 19.34
N THR B 135 -14.11 -23.57 19.07
CA THR B 135 -14.00 -23.03 17.73
C THR B 135 -12.59 -22.52 17.47
N ALA B 136 -11.99 -22.81 16.34
CA ALA B 136 -10.69 -22.22 15.97
C ALA B 136 -10.92 -21.43 14.69
N TYR B 137 -10.31 -20.27 14.53
CA TYR B 137 -10.52 -19.49 13.30
C TYR B 137 -9.33 -19.63 12.34
N ALA B 138 -9.60 -20.05 11.11
CA ALA B 138 -8.54 -20.23 10.13
C ALA B 138 -8.65 -19.14 9.07
N LYS B 139 -7.52 -18.58 8.66
CA LYS B 139 -7.58 -17.48 7.68
C LYS B 139 -7.30 -18.03 6.28
N SER B 140 -8.27 -17.90 5.41
N SER B 140 -8.31 -17.92 5.42
CA SER B 140 -8.22 -18.42 4.04
CA SER B 140 -8.17 -18.40 4.06
C SER B 140 -7.96 -17.34 2.98
C SER B 140 -7.80 -17.23 3.16
N ARG B 141 -6.83 -17.52 2.30
CA ARG B 141 -6.37 -16.56 1.30
C ARG B 141 -6.60 -17.13 -0.07
N ALA B 142 -7.22 -16.35 -0.97
CA ALA B 142 -7.50 -16.88 -2.29
C ALA B 142 -6.25 -17.15 -3.10
N TRP B 143 -5.15 -16.50 -2.76
CA TRP B 143 -3.86 -16.65 -3.40
C TRP B 143 -2.98 -17.70 -2.75
N ASP B 144 -3.44 -18.37 -1.70
N ASP B 144 -3.59 -18.53 -1.91
CA ASP B 144 -2.58 -19.40 -1.09
CA ASP B 144 -2.85 -19.63 -1.30
C ASP B 144 -2.13 -20.43 -2.12
C ASP B 144 -2.17 -20.49 -2.38
N GLY B 145 -0.84 -20.68 -2.23
CA GLY B 145 -0.22 -21.58 -3.21
C GLY B 145 0.30 -20.89 -4.48
N LYS B 146 0.04 -19.57 -4.60
CA LYS B 146 0.38 -18.82 -5.80
C LYS B 146 1.30 -17.65 -5.47
N GLU B 147 1.93 -17.65 -4.31
CA GLU B 147 2.84 -16.56 -3.97
C GLU B 147 4.02 -16.48 -4.90
N VAL B 148 4.68 -17.62 -5.17
CA VAL B 148 5.87 -17.61 -6.02
C VAL B 148 5.48 -17.32 -7.46
N ALA B 149 4.35 -17.83 -7.91
CA ALA B 149 3.83 -17.54 -9.24
C ALA B 149 3.63 -16.02 -9.37
N SER B 150 3.19 -15.36 -8.31
CA SER B 150 2.95 -13.92 -8.36
C SER B 150 4.23 -13.15 -8.55
N LEU B 151 5.29 -13.54 -7.83
CA LEU B 151 6.59 -12.93 -8.00
C LEU B 151 7.06 -13.07 -9.44
N LEU B 152 6.93 -14.29 -9.99
CA LEU B 152 7.36 -14.53 -11.36
C LEU B 152 6.52 -13.78 -12.37
N ALA B 153 5.20 -13.64 -12.17
CA ALA B 153 4.35 -12.87 -13.06
C ALA B 153 4.84 -11.40 -13.11
N TRP B 154 5.25 -10.88 -11.97
CA TRP B 154 5.71 -9.48 -11.89
C TRP B 154 7.05 -9.33 -12.60
N THR B 155 7.80 -10.39 -12.81
CA THR B 155 9.09 -10.41 -13.48
C THR B 155 8.87 -10.55 -14.97
N HIS B 156 8.13 -11.61 -15.40
CA HIS B 156 7.84 -11.87 -16.78
C HIS B 156 7.02 -10.80 -17.48
N GLN B 157 6.18 -10.05 -16.75
CA GLN B 157 5.41 -8.97 -17.34
C GLN B 157 6.35 -7.90 -17.90
N MET B 158 7.58 -7.76 -17.41
CA MET B 158 8.51 -6.76 -17.90
C MET B 158 8.94 -7.04 -19.33
N LYS B 159 8.72 -8.23 -19.87
CA LYS B 159 9.06 -8.52 -21.25
C LYS B 159 7.91 -8.37 -22.23
N ALA B 160 6.73 -8.01 -21.73
CA ALA B 160 5.57 -7.87 -22.60
C ALA B 160 5.72 -6.68 -23.53
N LYS B 161 5.20 -6.87 -24.76
CA LYS B 161 5.28 -5.77 -25.74
C LYS B 161 3.93 -5.26 -26.14
N ASN B 162 2.84 -5.78 -25.59
CA ASN B 162 1.49 -5.34 -25.90
C ASN B 162 0.55 -5.77 -24.78
N TRP B 163 -0.67 -5.30 -24.92
CA TRP B 163 -1.69 -5.56 -23.91
C TRP B 163 -1.96 -7.04 -23.76
N GLN B 164 -2.01 -7.81 -24.83
CA GLN B 164 -2.28 -9.26 -24.70
C GLN B 164 -1.19 -9.97 -23.93
N GLU B 165 0.09 -9.73 -24.26
CA GLU B 165 1.22 -10.31 -23.57
C GLU B 165 1.23 -9.90 -22.09
N TRP B 166 0.92 -8.64 -21.83
CA TRP B 166 0.92 -8.11 -20.47
C TRP B 166 -0.18 -8.71 -19.61
N THR B 167 -1.39 -8.75 -20.15
CA THR B 167 -2.51 -9.35 -19.39
C THR B 167 -2.34 -10.85 -19.25
N GLN B 168 -1.60 -11.53 -20.13
CA GLN B 168 -1.32 -12.97 -19.86
C GLN B 168 -0.57 -13.13 -18.56
N GLN B 169 0.34 -12.19 -18.25
CA GLN B 169 1.05 -12.21 -16.98
C GLN B 169 0.18 -11.66 -15.84
N ALA B 170 -0.61 -10.62 -16.09
CA ALA B 170 -1.49 -10.08 -15.05
C ALA B 170 -2.40 -11.20 -14.51
N ALA B 171 -2.85 -12.11 -15.36
CA ALA B 171 -3.69 -13.23 -14.98
C ALA B 171 -3.00 -14.23 -14.06
N LYS B 172 -1.66 -14.20 -13.99
CA LYS B 172 -0.88 -15.06 -13.13
C LYS B 172 -0.49 -14.40 -11.81
N GLN B 173 -0.82 -13.10 -11.62
CA GLN B 173 -0.50 -12.38 -10.38
C GLN B 173 -1.70 -12.57 -9.46
N ALA B 174 -1.50 -13.27 -8.35
CA ALA B 174 -2.63 -13.66 -7.49
C ALA B 174 -2.95 -12.75 -6.34
N LEU B 175 -2.12 -11.79 -5.98
CA LEU B 175 -2.37 -10.88 -4.87
C LEU B 175 -3.34 -9.79 -5.29
N THR B 176 -3.96 -9.13 -4.31
CA THR B 176 -4.92 -8.06 -4.70
C THR B 176 -4.20 -6.73 -4.96
N ILE B 177 -3.91 -6.54 -6.27
CA ILE B 177 -3.08 -5.41 -6.67
C ILE B 177 -3.63 -4.83 -7.97
N ASN B 178 -3.75 -3.48 -7.98
CA ASN B 178 -4.13 -2.81 -9.24
C ASN B 178 -2.84 -2.67 -10.08
N TRP B 179 -2.92 -3.16 -11.33
CA TRP B 179 -1.81 -3.02 -12.26
C TRP B 179 -2.26 -2.07 -13.38
N TYR B 180 -1.32 -1.32 -13.92
CA TYR B 180 -1.57 -0.31 -14.95
C TYR B 180 -0.57 -0.45 -16.07
N TYR B 181 -1.05 -0.12 -17.27
CA TYR B 181 -0.30 -0.24 -18.51
C TYR B 181 -0.39 1.02 -19.36
N ALA B 182 0.67 1.35 -20.07
CA ALA B 182 0.66 2.37 -21.11
C ALA B 182 1.65 1.93 -22.21
N ASP B 183 1.51 2.44 -23.43
CA ASP B 183 2.47 2.02 -24.47
C ASP B 183 2.76 3.11 -25.47
N VAL B 184 3.77 2.84 -26.31
N VAL B 184 3.78 2.85 -26.29
CA VAL B 184 4.24 3.80 -27.29
CA VAL B 184 4.26 3.81 -27.28
C VAL B 184 3.18 4.31 -28.25
C VAL B 184 3.18 4.31 -28.24
N ASN B 185 2.14 3.54 -28.51
CA ASN B 185 1.07 3.95 -29.40
C ASN B 185 0.00 4.79 -28.71
N GLY B 186 0.09 5.00 -27.41
CA GLY B 186 -0.90 5.79 -26.68
C GLY B 186 -1.99 4.94 -26.05
N ASN B 187 -1.87 3.62 -26.11
CA ASN B 187 -2.87 2.80 -25.42
C ASN B 187 -2.60 2.84 -23.93
N ILE B 188 -3.70 2.74 -23.14
CA ILE B 188 -3.57 2.71 -21.69
C ILE B 188 -4.50 1.61 -21.19
N GLY B 189 -4.22 1.02 -20.03
CA GLY B 189 -5.06 -0.04 -19.51
C GLY B 189 -4.82 -0.22 -18.01
N TYR B 190 -5.79 -1.00 -17.46
CA TYR B 190 -5.87 -1.22 -16.02
C TYR B 190 -6.45 -2.59 -15.78
N VAL B 191 -5.88 -3.32 -14.81
CA VAL B 191 -6.46 -4.57 -14.35
C VAL B 191 -6.40 -4.60 -12.82
N HIS B 192 -7.53 -4.82 -12.17
CA HIS B 192 -7.51 -5.12 -10.73
C HIS B 192 -7.21 -6.63 -10.67
N THR B 193 -5.90 -6.90 -10.53
CA THR B 193 -5.44 -8.28 -10.58
C THR B 193 -5.68 -9.02 -9.28
N GLY B 194 -5.61 -10.35 -9.39
CA GLY B 194 -5.57 -11.24 -8.23
C GLY B 194 -6.53 -12.42 -8.34
N ALA B 195 -6.36 -13.33 -7.38
CA ALA B 195 -7.29 -14.47 -7.23
C ALA B 195 -8.37 -14.03 -6.21
N TYR B 196 -9.65 -14.32 -6.55
CA TYR B 196 -10.81 -13.97 -5.72
C TYR B 196 -11.64 -15.25 -5.63
N PRO B 197 -12.18 -15.54 -4.47
CA PRO B 197 -12.92 -16.78 -4.32
C PRO B 197 -14.29 -16.80 -4.97
N ASP B 198 -14.70 -17.96 -5.45
CA ASP B 198 -16.08 -18.16 -5.93
C ASP B 198 -16.85 -18.72 -4.74
N ARG B 199 -17.57 -17.85 -4.05
CA ARG B 199 -18.23 -18.16 -2.79
C ARG B 199 -19.61 -18.79 -2.97
N GLN B 200 -19.96 -19.65 -2.00
CA GLN B 200 -21.29 -20.24 -2.03
C GLN B 200 -22.37 -19.15 -1.94
N SER B 201 -23.54 -19.43 -2.51
CA SER B 201 -24.69 -18.55 -2.39
C SER B 201 -25.04 -18.40 -0.91
N GLY B 202 -25.23 -17.15 -0.51
CA GLY B 202 -25.57 -16.76 0.84
C GLY B 202 -24.35 -16.35 1.70
N HIS B 203 -23.13 -16.47 1.15
CA HIS B 203 -21.95 -16.13 1.92
C HIS B 203 -21.68 -14.60 1.92
N ASP B 204 -21.89 -13.98 3.10
CA ASP B 204 -21.64 -12.53 3.26
C ASP B 204 -20.13 -12.46 3.52
N PRO B 205 -19.35 -11.85 2.62
CA PRO B 205 -17.90 -11.87 2.69
C PRO B 205 -17.36 -10.99 3.77
N ARG B 206 -18.13 -10.25 4.52
CA ARG B 206 -17.64 -9.43 5.62
C ARG B 206 -17.51 -10.16 6.93
N LEU B 207 -18.05 -11.40 7.00
CA LEU B 207 -18.15 -12.11 8.27
C LEU B 207 -17.73 -13.57 8.14
N PRO B 208 -17.28 -14.17 9.22
CA PRO B 208 -16.76 -15.55 9.14
C PRO B 208 -17.76 -16.54 8.60
N VAL B 209 -17.28 -17.66 8.07
CA VAL B 209 -18.09 -18.76 7.58
C VAL B 209 -17.80 -20.04 8.34
N PRO B 210 -18.76 -20.90 8.57
CA PRO B 210 -18.47 -22.19 9.20
C PRO B 210 -17.45 -23.00 8.38
N GLY B 211 -16.59 -23.73 9.10
CA GLY B 211 -15.58 -24.54 8.37
C GLY B 211 -15.88 -26.02 8.20
N THR B 212 -17.13 -26.40 8.47
CA THR B 212 -17.51 -27.81 8.48
C THR B 212 -17.71 -28.41 7.12
N GLY B 213 -17.66 -27.65 6.05
CA GLY B 213 -17.67 -28.05 4.68
C GLY B 213 -18.65 -27.41 3.72
N LYS B 214 -19.86 -27.10 4.26
CA LYS B 214 -20.88 -26.56 3.36
C LYS B 214 -20.60 -25.17 2.83
N TRP B 215 -19.79 -24.42 3.54
CA TRP B 215 -19.49 -23.04 3.17
C TRP B 215 -18.14 -22.89 2.51
N ASP B 216 -17.45 -24.01 2.19
CA ASP B 216 -16.18 -23.94 1.53
C ASP B 216 -16.33 -23.22 0.18
N TRP B 217 -15.27 -22.48 -0.18
CA TRP B 217 -15.28 -21.86 -1.49
C TRP B 217 -15.46 -22.90 -2.59
N LYS B 218 -16.12 -22.54 -3.68
CA LYS B 218 -16.29 -23.47 -4.79
C LYS B 218 -15.00 -23.65 -5.56
N GLY B 219 -14.17 -22.58 -5.55
CA GLY B 219 -12.96 -22.51 -6.35
C GLY B 219 -12.62 -21.01 -6.43
N LEU B 220 -11.87 -20.66 -7.48
CA LEU B 220 -11.55 -19.28 -7.76
C LEU B 220 -12.35 -18.77 -8.95
N LEU B 221 -12.70 -17.48 -8.90
CA LEU B 221 -13.34 -16.88 -10.08
C LEU B 221 -12.34 -16.78 -11.22
N PRO B 222 -12.82 -16.82 -12.45
CA PRO B 222 -11.99 -16.70 -13.64
C PRO B 222 -11.48 -15.28 -13.86
N PHE B 223 -10.38 -15.17 -14.60
CA PHE B 223 -9.74 -13.89 -14.90
C PHE B 223 -10.67 -12.97 -15.65
N GLU B 224 -11.70 -13.45 -16.51
CA GLU B 224 -12.71 -12.64 -17.24
C GLU B 224 -13.31 -11.63 -16.14
N MET B 225 -13.53 -12.19 -14.85
CA MET B 225 -14.26 -11.45 -13.86
C MET B 225 -13.44 -10.34 -13.26
N ASN B 226 -12.10 -10.38 -13.31
CA ASN B 226 -11.35 -9.27 -12.70
C ASN B 226 -11.63 -7.94 -13.39
N PRO B 227 -11.96 -6.90 -12.63
CA PRO B 227 -12.22 -5.61 -13.23
C PRO B 227 -11.04 -5.17 -14.11
N LYS B 228 -11.34 -4.72 -15.33
CA LYS B 228 -10.31 -4.26 -16.24
C LYS B 228 -10.88 -3.30 -17.28
N VAL B 229 -10.00 -2.44 -17.79
CA VAL B 229 -10.41 -1.56 -18.88
C VAL B 229 -9.17 -1.29 -19.76
N TYR B 230 -9.40 -1.16 -21.05
CA TYR B 230 -8.35 -0.82 -22.01
C TYR B 230 -8.86 0.35 -22.82
N ASN B 231 -8.11 1.44 -22.90
CA ASN B 231 -8.54 2.62 -23.65
C ASN B 231 -9.94 3.07 -23.29
N PRO B 232 -10.14 3.51 -22.04
CA PRO B 232 -11.43 4.02 -21.60
C PRO B 232 -11.82 5.27 -22.36
N GLN B 233 -13.13 5.52 -22.54
N GLN B 233 -13.15 5.41 -22.49
CA GLN B 233 -13.56 6.72 -23.24
CA GLN B 233 -13.79 6.54 -23.14
C GLN B 233 -13.17 8.01 -22.56
C GLN B 233 -13.38 7.87 -22.50
N SER B 234 -13.04 7.93 -21.22
CA SER B 234 -12.62 9.16 -20.54
C SER B 234 -11.23 9.65 -20.97
N GLY B 235 -10.40 8.74 -21.51
CA GLY B 235 -9.04 9.10 -21.88
C GLY B 235 -8.07 9.02 -20.72
N TYR B 236 -8.54 8.54 -19.55
CA TYR B 236 -7.59 8.46 -18.42
C TYR B 236 -8.01 7.39 -17.43
N ILE B 237 -7.05 6.96 -16.62
CA ILE B 237 -7.23 5.94 -15.58
C ILE B 237 -6.66 6.54 -14.31
N ALA B 238 -7.46 6.80 -13.29
CA ALA B 238 -6.98 7.39 -12.05
C ALA B 238 -7.37 6.48 -10.88
N ASN B 239 -6.48 6.39 -9.91
CA ASN B 239 -6.75 5.60 -8.70
C ASN B 239 -6.00 6.18 -7.52
N TRP B 240 -6.64 6.17 -6.36
CA TRP B 240 -5.99 6.56 -5.10
C TRP B 240 -6.55 5.69 -3.98
N ALA B 241 -6.51 4.37 -4.21
CA ALA B 241 -7.04 3.33 -3.33
C ALA B 241 -8.57 3.30 -3.30
N ASN B 242 -9.21 3.79 -4.36
CA ASN B 242 -10.64 3.84 -4.55
C ASN B 242 -11.14 2.57 -5.25
N SER B 243 -12.46 2.43 -5.41
CA SER B 243 -13.01 1.25 -6.05
C SER B 243 -12.58 1.11 -7.49
N PRO B 244 -12.32 -0.12 -7.93
CA PRO B 244 -12.05 -0.36 -9.31
C PRO B 244 -13.25 -0.11 -10.25
N GLN B 245 -14.46 -0.43 -9.82
CA GLN B 245 -15.57 -0.60 -10.72
C GLN B 245 -16.90 -0.65 -9.98
N LYS B 246 -17.94 -0.16 -10.70
CA LYS B 246 -19.28 -0.15 -10.12
C LYS B 246 -19.67 -1.56 -9.68
N ASP B 247 -20.17 -1.68 -8.47
CA ASP B 247 -20.65 -2.88 -7.81
C ASP B 247 -19.57 -3.84 -7.31
N TYR B 248 -18.32 -3.44 -7.39
CA TYR B 248 -17.22 -4.30 -6.92
C TYR B 248 -16.99 -4.05 -5.44
N PRO B 249 -16.92 -5.08 -4.64
CA PRO B 249 -16.80 -4.93 -3.19
C PRO B 249 -15.38 -4.73 -2.69
N ALA B 250 -15.23 -3.86 -1.70
CA ALA B 250 -13.99 -3.62 -1.03
C ALA B 250 -13.58 -4.72 -0.06
N SER B 251 -12.32 -4.63 0.34
CA SER B 251 -11.80 -5.36 1.51
C SER B 251 -12.84 -5.32 2.64
N ASP B 252 -12.87 -6.40 3.44
CA ASP B 252 -13.79 -6.45 4.56
C ASP B 252 -13.33 -5.69 5.80
N LEU B 253 -12.20 -5.04 5.79
CA LEU B 253 -11.71 -4.26 6.93
C LEU B 253 -12.77 -3.24 7.33
N PHE B 254 -13.13 -3.21 8.60
CA PHE B 254 -14.18 -2.28 9.03
C PHE B 254 -13.80 -0.82 8.86
N ALA B 255 -12.54 -0.46 8.90
CA ALA B 255 -12.16 0.97 8.75
C ALA B 255 -11.82 1.28 7.29
N PHE B 256 -12.26 0.49 6.35
CA PHE B 256 -12.00 0.72 4.93
C PHE B 256 -13.32 0.76 4.19
N LEU B 257 -13.59 1.87 3.50
CA LEU B 257 -14.82 1.98 2.72
C LEU B 257 -14.62 2.66 1.38
N TRP B 258 -15.41 2.25 0.40
CA TRP B 258 -15.53 2.92 -0.89
C TRP B 258 -16.94 3.54 -0.92
N GLY B 259 -16.96 4.88 -0.77
CA GLY B 259 -18.28 5.55 -0.76
C GLY B 259 -18.22 6.88 -1.49
N GLY B 260 -19.28 7.71 -1.35
CA GLY B 260 -19.36 8.96 -2.08
C GLY B 260 -18.21 9.91 -1.77
N ALA B 261 -17.70 9.87 -0.55
CA ALA B 261 -16.54 10.67 -0.17
C ALA B 261 -15.27 9.82 -0.48
N ASP B 262 -14.48 10.27 -1.43
CA ASP B 262 -13.28 9.54 -1.84
C ASP B 262 -12.21 10.54 -2.29
N ARG B 263 -10.98 10.36 -1.80
CA ARG B 263 -9.90 11.28 -2.19
C ARG B 263 -9.56 11.24 -3.65
N VAL B 264 -9.89 10.17 -4.39
CA VAL B 264 -9.58 10.13 -5.81
C VAL B 264 -10.23 11.29 -6.56
N THR B 265 -11.34 11.84 -6.06
CA THR B 265 -12.01 12.94 -6.75
C THR B 265 -11.07 14.12 -6.88
N GLU B 266 -10.08 14.30 -5.97
CA GLU B 266 -9.16 15.41 -6.12
C GLU B 266 -8.30 15.23 -7.36
N ILE B 267 -7.97 13.98 -7.73
CA ILE B 267 -7.24 13.73 -8.98
C ILE B 267 -8.16 13.98 -10.18
N ASP B 268 -9.40 13.48 -10.17
CA ASP B 268 -10.33 13.74 -11.27
C ASP B 268 -10.49 15.25 -11.51
N ARG B 269 -10.58 16.06 -10.47
CA ARG B 269 -10.76 17.51 -10.67
C ARG B 269 -9.63 18.09 -11.47
N LEU B 270 -8.40 17.68 -11.13
CA LEU B 270 -7.24 18.19 -11.83
C LEU B 270 -7.11 17.66 -13.26
N LEU B 271 -7.47 16.42 -13.51
CA LEU B 271 -7.34 15.87 -14.85
C LEU B 271 -8.40 16.41 -15.79
N GLU B 272 -9.56 16.75 -15.25
CA GLU B 272 -10.64 17.31 -16.02
C GLU B 272 -10.55 18.83 -16.09
N GLN B 273 -9.67 19.54 -15.39
CA GLN B 273 -9.62 21.00 -15.42
C GLN B 273 -9.42 21.58 -16.81
N LYS B 274 -8.51 20.98 -17.56
CA LYS B 274 -8.14 21.39 -18.89
C LYS B 274 -8.33 20.22 -19.84
N PRO B 275 -8.57 20.47 -21.12
CA PRO B 275 -8.80 19.40 -22.08
C PRO B 275 -7.67 18.37 -22.15
N ARG B 276 -6.43 18.79 -22.11
CA ARG B 276 -5.28 17.88 -22.22
C ARG B 276 -4.26 18.28 -21.17
N LEU B 277 -3.37 17.36 -20.87
CA LEU B 277 -2.29 17.58 -19.92
C LEU B 277 -0.95 17.31 -20.59
N THR B 278 -0.02 18.23 -20.48
CA THR B 278 1.35 17.94 -20.86
C THR B 278 2.01 17.08 -19.76
N ALA B 279 3.21 16.57 -20.03
CA ALA B 279 3.94 15.84 -19.00
C ALA B 279 4.16 16.71 -17.79
N ASP B 280 4.54 17.98 -17.95
CA ASP B 280 4.76 18.89 -16.84
C ASP B 280 3.47 19.04 -16.01
N GLN B 281 2.33 19.21 -16.68
CA GLN B 281 1.07 19.35 -15.96
C GLN B 281 0.74 18.05 -15.22
N ALA B 282 0.98 16.89 -15.85
CA ALA B 282 0.71 15.60 -15.19
C ALA B 282 1.57 15.43 -13.95
N TRP B 283 2.85 15.85 -14.04
CA TRP B 283 3.76 15.77 -12.88
C TRP B 283 3.26 16.69 -11.77
N ASP B 284 2.79 17.89 -12.16
CA ASP B 284 2.32 18.88 -11.16
C ASP B 284 1.12 18.43 -10.33
N VAL B 285 0.40 17.40 -10.82
CA VAL B 285 -0.70 16.83 -10.07
C VAL B 285 -0.15 16.24 -8.77
N ILE B 286 1.11 15.79 -8.74
CA ILE B 286 1.73 15.30 -7.53
C ILE B 286 1.77 16.39 -6.45
N ARG B 287 2.37 17.54 -6.82
CA ARG B 287 2.46 18.67 -5.92
C ARG B 287 1.09 19.11 -5.35
N GLN B 288 0.13 19.25 -6.25
CA GLN B 288 -1.20 19.75 -5.76
C GLN B 288 -1.89 18.73 -4.90
N THR B 289 -1.95 17.45 -5.33
CA THR B 289 -2.63 16.48 -4.50
C THR B 289 -1.89 16.27 -3.18
N SER B 290 -0.56 16.40 -3.18
N SER B 290 -0.59 16.41 -3.13
CA SER B 290 0.18 16.21 -1.96
CA SER B 290 0.28 16.32 -1.96
C SER B 290 -0.10 17.24 -0.87
C SER B 290 -0.18 17.19 -0.79
N ARG B 291 -0.60 18.42 -1.28
CA ARG B 291 -0.89 19.54 -0.37
C ARG B 291 -2.37 19.75 -0.12
N GLN B 292 -3.23 18.95 -0.74
CA GLN B 292 -4.65 19.13 -0.69
C GLN B 292 -5.34 18.60 0.54
N ASP B 293 -5.97 19.48 1.34
CA ASP B 293 -6.81 19.02 2.45
C ASP B 293 -7.97 18.27 1.80
N LEU B 294 -8.20 17.03 2.28
CA LEU B 294 -9.19 16.15 1.67
C LEU B 294 -10.61 16.29 2.20
N ASN B 295 -10.75 17.04 3.30
CA ASN B 295 -12.10 17.19 3.87
C ASN B 295 -12.82 18.47 3.46
N LEU B 296 -12.05 19.47 3.02
CA LEU B 296 -12.70 20.75 2.69
C LEU B 296 -13.80 20.60 1.67
N ARG B 297 -13.54 19.92 0.55
CA ARG B 297 -14.56 19.75 -0.49
C ARG B 297 -15.77 19.04 0.03
N LEU B 298 -15.59 18.06 0.91
CA LEU B 298 -16.68 17.24 1.39
C LEU B 298 -17.67 17.98 2.29
N PHE B 299 -17.11 18.81 3.17
CA PHE B 299 -17.90 19.41 4.24
C PHE B 299 -18.16 20.90 4.11
N LEU B 300 -17.45 21.61 3.26
CA LEU B 300 -17.67 23.04 3.08
C LEU B 300 -19.13 23.33 2.76
N PRO B 301 -19.75 22.66 1.86
CA PRO B 301 -21.16 22.94 1.56
C PRO B 301 -22.04 22.81 2.79
N THR B 302 -21.96 21.85 3.59
CA THR B 302 -22.73 21.67 4.82
C THR B 302 -22.45 22.82 5.76
N LEU B 303 -21.19 23.26 5.88
CA LEU B 303 -20.79 24.38 6.74
C LEU B 303 -21.36 25.71 6.24
N GLN B 304 -21.41 25.89 4.95
CA GLN B 304 -21.96 27.10 4.34
C GLN B 304 -23.47 27.13 4.56
N ALA B 305 -24.14 26.00 4.39
CA ALA B 305 -25.60 26.00 4.59
C ALA B 305 -25.95 26.30 6.04
N ALA B 306 -25.19 25.73 6.97
CA ALA B 306 -25.47 25.89 8.38
C ALA B 306 -25.30 27.32 8.87
N THR B 307 -24.36 28.05 8.28
CA THR B 307 -24.00 29.37 8.71
C THR B 307 -24.61 30.49 7.87
N SER B 308 -25.37 30.15 6.84
N SER B 308 -25.41 30.11 6.88
CA SER B 308 -25.93 31.15 5.96
CA SER B 308 -26.02 31.07 5.98
C SER B 308 -26.88 32.18 6.56
C SER B 308 -26.73 32.22 6.67
N GLY B 309 -27.55 31.92 7.67
CA GLY B 309 -28.39 33.03 8.22
C GLY B 309 -27.67 33.84 9.29
N LEU B 310 -26.44 33.53 9.67
CA LEU B 310 -25.80 34.22 10.78
C LEU B 310 -25.28 35.62 10.51
N THR B 311 -25.16 36.38 11.62
CA THR B 311 -24.68 37.75 11.53
C THR B 311 -23.16 37.75 11.26
N GLN B 312 -22.73 38.91 10.73
CA GLN B 312 -21.33 39.09 10.36
C GLN B 312 -20.41 38.84 11.53
N SER B 313 -20.78 39.20 12.75
CA SER B 313 -19.95 39.06 13.92
C SER B 313 -19.96 37.70 14.58
N ASP B 314 -20.74 36.76 14.07
CA ASP B 314 -20.80 35.42 14.69
C ASP B 314 -19.54 34.67 14.30
N PRO B 315 -18.80 34.22 15.29
CA PRO B 315 -17.54 33.50 15.03
C PRO B 315 -17.76 32.21 14.29
N ARG B 316 -18.92 31.56 14.38
CA ARG B 316 -19.18 30.29 13.68
C ARG B 316 -19.20 30.58 12.20
N ARG B 317 -19.78 31.74 11.84
CA ARG B 317 -19.83 32.19 10.45
C ARG B 317 -18.43 32.59 9.99
N GLN B 318 -17.67 33.29 10.82
CA GLN B 318 -16.33 33.74 10.41
C GLN B 318 -15.40 32.54 10.19
N LEU B 319 -15.55 31.45 10.94
CA LEU B 319 -14.70 30.27 10.67
C LEU B 319 -15.04 29.74 9.29
N VAL B 320 -16.30 29.67 8.90
CA VAL B 320 -16.68 29.18 7.58
C VAL B 320 -16.25 30.13 6.48
N GLU B 321 -16.29 31.45 6.74
N GLU B 321 -16.31 31.46 6.68
CA GLU B 321 -15.83 32.42 5.76
CA GLU B 321 -15.85 32.35 5.61
C GLU B 321 -14.37 32.15 5.40
C GLU B 321 -14.35 32.25 5.41
N THR B 322 -13.58 31.91 6.44
CA THR B 322 -12.16 31.60 6.29
C THR B 322 -11.98 30.41 5.38
N LEU B 323 -12.75 29.33 5.58
CA LEU B 323 -12.66 28.17 4.71
C LEU B 323 -13.14 28.46 3.29
N THR B 324 -14.20 29.26 3.16
CA THR B 324 -14.73 29.57 1.83
C THR B 324 -13.73 30.28 0.93
N ARG B 325 -12.85 31.09 1.50
CA ARG B 325 -11.84 31.84 0.76
C ARG B 325 -10.63 30.97 0.41
N TRP B 326 -10.62 29.72 0.86
CA TRP B 326 -9.46 28.86 0.67
C TRP B 326 -9.71 27.71 -0.30
N ASP B 327 -8.67 27.36 -1.07
CA ASP B 327 -8.77 26.23 -1.99
C ASP B 327 -8.40 24.89 -1.36
N GLY B 328 -7.98 24.89 -0.09
CA GLY B 328 -7.59 23.66 0.57
C GLY B 328 -6.16 23.29 0.31
N ILE B 329 -5.37 24.03 -0.41
CA ILE B 329 -3.95 23.69 -0.59
C ILE B 329 -3.19 24.29 0.57
N ASN B 330 -2.45 23.47 1.32
CA ASN B 330 -1.61 23.91 2.41
C ASN B 330 -0.21 24.25 1.89
N LEU B 331 0.28 25.38 2.37
CA LEU B 331 1.61 25.88 2.06
C LEU B 331 2.30 26.35 3.34
N LEU B 332 3.59 26.09 3.46
CA LEU B 332 4.32 26.53 4.64
C LEU B 332 4.53 28.06 4.58
N ASN B 333 4.41 28.61 5.79
CA ASN B 333 4.83 30.01 5.96
C ASN B 333 6.36 30.02 5.76
N ASP B 334 6.90 31.26 5.79
CA ASP B 334 8.33 31.46 5.70
C ASP B 334 9.09 30.85 6.86
N ASP B 335 8.48 30.57 8.02
CA ASP B 335 9.14 29.95 9.15
C ASP B 335 9.48 28.46 8.98
N GLY B 336 8.90 27.88 7.93
CA GLY B 336 9.09 26.49 7.58
C GLY B 336 8.42 25.51 8.53
N LYS B 337 7.42 25.92 9.33
CA LYS B 337 6.78 24.96 10.22
C LYS B 337 5.30 25.17 10.53
N THR B 338 4.80 26.37 10.12
CA THR B 338 3.38 26.59 10.29
C THR B 338 2.79 26.73 8.89
N TRP B 339 1.49 26.45 8.79
CA TRP B 339 0.75 26.57 7.55
C TRP B 339 0.22 28.00 7.38
N GLN B 340 0.18 28.47 6.13
CA GLN B 340 -0.26 29.83 5.84
C GLN B 340 -1.71 30.02 6.26
N GLN B 341 -2.57 29.02 6.11
CA GLN B 341 -3.97 29.11 6.46
C GLN B 341 -4.34 28.15 7.55
N PRO B 342 -5.33 28.45 8.36
CA PRO B 342 -5.67 27.61 9.51
C PRO B 342 -6.72 26.56 9.21
N GLY B 343 -7.13 26.47 7.94
CA GLY B 343 -8.28 25.61 7.63
C GLY B 343 -8.23 24.15 8.01
N SER B 344 -7.05 23.51 7.87
CA SER B 344 -7.05 22.09 8.26
C SER B 344 -7.27 21.93 9.75
N ALA B 345 -6.76 22.85 10.58
CA ALA B 345 -7.01 22.78 12.02
C ALA B 345 -8.49 23.00 12.33
N ILE B 346 -9.12 23.95 11.64
CA ILE B 346 -10.55 24.22 11.81
C ILE B 346 -11.31 22.96 11.44
N LEU B 347 -11.03 22.34 10.28
CA LEU B 347 -11.72 21.13 9.87
C LEU B 347 -11.48 19.97 10.81
N ASN B 348 -10.24 19.81 11.31
CA ASN B 348 -9.93 18.71 12.22
C ASN B 348 -10.77 18.85 13.49
N VAL B 349 -10.76 20.01 14.13
CA VAL B 349 -11.52 20.21 15.37
C VAL B 349 -13.01 20.04 15.14
N TRP B 350 -13.49 20.63 14.02
CA TRP B 350 -14.91 20.49 13.72
C TRP B 350 -15.31 19.05 13.47
N LEU B 351 -14.54 18.37 12.60
N LEU B 351 -14.57 18.33 12.62
CA LEU B 351 -14.92 16.98 12.29
CA LEU B 351 -14.88 16.94 12.32
C LEU B 351 -14.78 16.11 13.52
C LEU B 351 -14.84 16.09 13.58
N THR B 352 -13.79 16.31 14.39
CA THR B 352 -13.64 15.54 15.62
C THR B 352 -14.91 15.67 16.47
N SER B 353 -15.38 16.92 16.63
CA SER B 353 -16.60 17.18 17.40
C SER B 353 -17.82 16.58 16.72
N MET B 354 -17.93 16.73 15.40
CA MET B 354 -19.07 16.15 14.68
C MET B 354 -19.13 14.64 14.86
N LEU B 355 -17.99 13.93 14.73
CA LEU B 355 -18.01 12.48 14.82
C LEU B 355 -18.41 12.05 16.22
N LYS B 356 -17.89 12.72 17.25
CA LYS B 356 -18.25 12.43 18.63
C LYS B 356 -19.76 12.53 18.81
N ARG B 357 -20.36 13.54 18.23
CA ARG B 357 -21.80 13.80 18.38
C ARG B 357 -22.70 12.91 17.54
N THR B 358 -22.15 12.23 16.53
CA THR B 358 -22.94 11.49 15.56
C THR B 358 -22.56 10.02 15.46
N VAL B 359 -21.61 9.66 14.60
N VAL B 359 -21.67 9.62 14.55
CA VAL B 359 -21.29 8.23 14.37
CA VAL B 359 -21.36 8.20 14.42
C VAL B 359 -20.83 7.56 15.66
C VAL B 359 -20.87 7.56 15.71
N VAL B 360 -19.96 8.22 16.42
CA VAL B 360 -19.46 7.65 17.69
C VAL B 360 -20.59 7.35 18.66
N ALA B 361 -21.51 8.29 18.81
CA ALA B 361 -22.63 8.10 19.74
C ALA B 361 -23.55 6.96 19.32
N ALA B 362 -23.58 6.59 18.04
CA ALA B 362 -24.49 5.54 17.59
C ALA B 362 -23.93 4.14 17.75
N VAL B 363 -22.63 4.05 17.94
CA VAL B 363 -21.98 2.73 17.99
C VAL B 363 -21.60 2.34 19.40
N PRO B 364 -21.86 1.08 19.77
CA PRO B 364 -21.46 0.63 21.08
C PRO B 364 -19.95 0.59 21.29
N MET B 365 -19.59 0.77 22.58
CA MET B 365 -18.17 0.70 22.96
C MET B 365 -17.80 -0.78 22.99
N PRO B 366 -16.55 -1.07 22.67
CA PRO B 366 -15.48 -0.16 22.39
C PRO B 366 -15.27 0.16 20.93
N PHE B 367 -16.24 -0.26 20.15
CA PHE B 367 -16.34 -0.12 18.72
C PHE B 367 -16.40 1.35 18.32
N ASP B 368 -17.01 2.18 19.16
CA ASP B 368 -17.15 3.62 18.90
C ASP B 368 -15.84 4.29 18.59
N LYS B 369 -14.73 3.91 19.23
CA LYS B 369 -13.43 4.49 18.98
C LYS B 369 -12.95 4.40 17.53
N TRP B 370 -13.46 3.31 16.92
N TRP B 370 -13.04 3.44 16.64
CA TRP B 370 -13.28 2.92 15.54
CA TRP B 370 -12.48 3.69 15.32
C TRP B 370 -13.77 3.98 14.56
C TRP B 370 -13.28 4.75 14.55
N TYR B 371 -14.57 4.95 14.95
CA TYR B 371 -15.28 5.95 14.18
C TYR B 371 -15.01 7.37 14.66
N SER B 372 -14.16 7.60 15.64
CA SER B 372 -13.85 8.89 16.23
C SER B 372 -12.71 9.62 15.53
N ALA B 373 -11.89 8.92 14.73
CA ALA B 373 -10.76 9.58 14.12
C ALA B 373 -11.22 10.54 13.02
N SER B 374 -10.55 11.69 12.98
CA SER B 374 -10.83 12.70 11.98
C SER B 374 -10.03 12.54 10.71
N GLY B 375 -8.97 11.74 10.73
CA GLY B 375 -8.12 11.62 9.54
C GLY B 375 -6.86 12.46 9.67
N TYR B 376 -6.76 13.34 10.65
CA TYR B 376 -5.62 14.21 10.84
C TYR B 376 -4.66 13.74 11.93
N GLU B 377 -4.87 12.45 12.25
N GLU B 377 -5.01 12.83 12.84
CA GLU B 377 -4.05 11.72 13.19
CA GLU B 377 -4.15 12.48 13.99
C GLU B 377 -2.64 11.61 12.61
C GLU B 377 -2.75 12.07 13.58
N THR B 378 -1.65 11.77 13.47
N THR B 378 -1.74 12.65 14.25
CA THR B 378 -0.25 11.77 13.05
CA THR B 378 -0.37 12.33 13.94
C THR B 378 0.66 11.42 14.21
C THR B 378 0.55 12.51 15.14
N THR B 379 1.80 12.07 14.31
N THR B 379 1.75 11.97 14.92
CA THR B 379 2.82 12.01 15.32
CA THR B 379 2.86 12.07 15.84
C THR B 379 3.75 13.23 15.23
C THR B 379 3.64 13.31 15.39
N GLN B 380 4.69 13.62 16.14
CA GLN B 380 5.51 14.81 15.79
C GLN B 380 6.41 14.48 14.58
N ASP B 381 6.70 13.18 14.33
CA ASP B 381 7.41 12.78 13.13
C ASP B 381 6.54 12.76 11.88
N GLY B 382 5.25 13.04 12.05
CA GLY B 382 4.32 13.17 10.93
C GLY B 382 3.66 11.84 10.59
N PRO B 383 2.79 11.87 9.63
CA PRO B 383 2.06 10.70 9.19
C PRO B 383 2.99 9.56 8.78
N THR B 384 2.63 8.34 9.14
CA THR B 384 3.40 7.16 8.73
C THR B 384 3.12 6.70 7.33
N GLY B 385 2.05 7.21 6.69
CA GLY B 385 1.69 6.84 5.34
C GLY B 385 0.90 7.97 4.71
N SER B 386 -0.01 7.58 3.81
CA SER B 386 -0.84 8.60 3.15
C SER B 386 -1.86 9.11 4.17
N LEU B 387 -2.42 10.28 3.85
CA LEU B 387 -3.57 10.77 4.54
C LEU B 387 -4.79 10.47 3.68
N ASN B 388 -5.87 10.16 4.42
CA ASN B 388 -7.15 9.83 3.77
C ASN B 388 -8.34 10.42 4.58
N ILE B 389 -9.50 10.35 3.99
CA ILE B 389 -10.75 10.68 4.65
C ILE B 389 -11.04 9.49 5.60
N SER B 390 -11.30 9.80 6.86
CA SER B 390 -11.51 8.73 7.81
C SER B 390 -12.77 7.93 7.60
N VAL B 391 -12.86 6.71 8.17
CA VAL B 391 -14.07 5.92 8.05
C VAL B 391 -15.27 6.68 8.61
N GLY B 392 -15.09 7.26 9.81
CA GLY B 392 -16.22 8.00 10.41
C GLY B 392 -16.62 9.16 9.52
N ALA B 393 -15.67 9.88 8.91
CA ALA B 393 -15.99 10.99 8.03
C ALA B 393 -16.72 10.52 6.79
N LYS B 394 -16.39 9.30 6.25
CA LYS B 394 -17.10 8.81 5.09
C LYS B 394 -18.57 8.51 5.43
N ILE B 395 -18.79 7.94 6.62
CA ILE B 395 -20.15 7.61 7.08
C ILE B 395 -20.91 8.91 7.35
N LEU B 396 -20.25 9.89 7.99
CA LEU B 396 -20.89 11.21 8.22
C LEU B 396 -21.27 11.88 6.90
N TYR B 397 -20.41 11.77 5.88
CA TYR B 397 -20.72 12.37 4.60
C TYR B 397 -21.99 11.78 4.05
N GLU B 398 -22.23 10.45 4.11
CA GLU B 398 -23.51 9.90 3.63
C GLU B 398 -24.65 10.51 4.46
N ALA B 399 -24.51 10.64 5.76
CA ALA B 399 -25.61 11.23 6.56
C ALA B 399 -25.94 12.65 6.14
N VAL B 400 -24.95 13.51 5.90
CA VAL B 400 -25.17 14.91 5.56
C VAL B 400 -25.64 15.08 4.12
N GLN B 401 -25.58 14.06 3.28
CA GLN B 401 -26.09 14.10 1.92
C GLN B 401 -27.58 13.82 1.93
N GLY B 402 -28.14 13.41 3.07
CA GLY B 402 -29.57 13.16 3.15
C GLY B 402 -30.06 12.16 2.12
N ASP B 403 -31.19 12.49 1.44
CA ASP B 403 -31.64 11.48 0.48
C ASP B 403 -30.85 11.41 -0.80
N LYS B 404 -29.78 12.13 -0.98
CA LYS B 404 -28.88 11.98 -2.11
C LYS B 404 -28.05 10.70 -1.84
N SER B 405 -27.94 10.25 -0.59
CA SER B 405 -27.17 9.02 -0.32
C SER B 405 -27.95 7.75 -0.62
N PRO B 406 -27.34 6.76 -1.24
CA PRO B 406 -27.94 5.47 -1.50
C PRO B 406 -27.89 4.52 -0.31
N ILE B 407 -27.29 4.93 0.79
CA ILE B 407 -27.18 4.03 1.95
C ILE B 407 -28.34 4.30 2.89
N PRO B 408 -29.13 3.29 3.21
CA PRO B 408 -30.24 3.48 4.15
C PRO B 408 -29.69 3.91 5.50
N GLN B 409 -30.21 5.01 6.04
CA GLN B 409 -29.80 5.51 7.35
C GLN B 409 -30.65 4.83 8.42
N ALA B 410 -30.30 3.55 8.68
CA ALA B 410 -31.03 2.72 9.62
C ALA B 410 -31.15 3.40 10.96
N VAL B 411 -30.08 4.05 11.41
CA VAL B 411 -30.13 4.90 12.61
C VAL B 411 -29.84 6.33 12.13
N ASP B 412 -30.65 7.28 12.56
CA ASP B 412 -30.40 8.69 12.30
C ASP B 412 -29.21 9.10 13.12
N LEU B 413 -28.09 9.41 12.46
CA LEU B 413 -26.92 9.77 13.27
C LEU B 413 -27.06 11.12 13.97
N PHE B 414 -28.05 11.91 13.61
CA PHE B 414 -28.31 13.17 14.29
C PHE B 414 -29.30 13.00 15.43
N ALA B 415 -29.81 11.79 15.68
CA ALA B 415 -30.70 11.51 16.80
C ALA B 415 -31.89 12.44 16.87
N GLY B 416 -32.57 12.71 15.75
CA GLY B 416 -33.78 13.52 15.82
C GLY B 416 -33.59 15.02 15.80
N LYS B 417 -32.35 15.46 15.88
CA LYS B 417 -32.11 16.91 15.87
C LYS B 417 -31.82 17.34 14.46
N PRO B 418 -32.09 18.57 14.12
CA PRO B 418 -31.80 19.15 12.83
C PRO B 418 -30.27 19.12 12.67
N GLN B 419 -29.84 18.71 11.47
CA GLN B 419 -28.40 18.64 11.22
C GLN B 419 -27.75 20.01 11.41
N GLN B 420 -28.41 21.12 11.04
CA GLN B 420 -27.84 22.44 11.26
C GLN B 420 -27.47 22.69 12.70
N GLU B 421 -28.32 22.26 13.64
CA GLU B 421 -28.05 22.46 15.04
C GLU B 421 -26.73 21.80 15.45
N VAL B 422 -26.53 20.56 14.97
CA VAL B 422 -25.33 19.80 15.36
C VAL B 422 -24.10 20.41 14.68
N VAL B 423 -24.23 20.78 13.40
CA VAL B 423 -23.12 21.44 12.68
C VAL B 423 -22.70 22.72 13.40
N LEU B 424 -23.67 23.53 13.81
CA LEU B 424 -23.38 24.79 14.51
C LEU B 424 -22.77 24.53 15.88
N ALA B 425 -23.24 23.52 16.61
CA ALA B 425 -22.66 23.19 17.91
C ALA B 425 -21.21 22.80 17.78
N ALA B 426 -20.90 21.99 16.73
CA ALA B 426 -19.51 21.62 16.48
C ALA B 426 -18.68 22.83 16.11
N LEU B 427 -19.25 23.82 15.40
CA LEU B 427 -18.54 25.06 15.13
C LEU B 427 -18.31 25.90 16.39
N GLU B 428 -19.23 25.87 17.32
CA GLU B 428 -19.05 26.58 18.60
C GLU B 428 -17.90 25.92 19.35
N ASP B 429 -17.86 24.58 19.34
CA ASP B 429 -16.73 23.89 19.98
C ASP B 429 -15.40 24.24 19.34
N THR B 430 -15.44 24.34 18.01
CA THR B 430 -14.27 24.67 17.22
C THR B 430 -13.72 26.05 17.58
N TRP B 431 -14.59 27.04 17.66
CA TRP B 431 -14.22 28.40 18.03
C TRP B 431 -13.62 28.42 19.44
N GLU B 432 -14.25 27.77 20.39
CA GLU B 432 -13.76 27.75 21.77
C GLU B 432 -12.38 27.14 21.81
N THR B 433 -12.20 25.98 21.21
CA THR B 433 -10.93 25.26 21.25
C THR B 433 -9.79 26.07 20.64
N LEU B 434 -10.04 26.52 19.41
CA LEU B 434 -8.99 27.24 18.71
C LEU B 434 -8.74 28.65 19.20
N SER B 435 -9.78 29.38 19.61
CA SER B 435 -9.55 30.73 20.16
C SER B 435 -8.83 30.65 21.51
N LYS B 436 -9.04 29.60 22.27
CA LYS B 436 -8.31 29.46 23.53
C LYS B 436 -6.84 29.20 23.27
N ARG B 437 -6.46 28.55 22.17
CA ARG B 437 -5.06 28.28 21.87
C ARG B 437 -4.37 29.48 21.21
N TYR B 438 -5.11 30.10 20.27
CA TYR B 438 -4.51 31.11 19.43
C TYR B 438 -4.98 32.54 19.63
N GLY B 439 -5.99 32.75 20.46
CA GLY B 439 -6.55 34.11 20.56
C GLY B 439 -7.71 34.29 19.58
N ASN B 440 -8.34 35.50 19.63
CA ASN B 440 -9.50 35.77 18.78
C ASN B 440 -9.31 36.34 17.41
N ASN B 441 -8.12 36.53 16.89
CA ASN B 441 -7.83 37.11 15.58
C ASN B 441 -7.40 36.00 14.63
N VAL B 442 -8.34 35.42 13.91
CA VAL B 442 -8.03 34.25 13.05
C VAL B 442 -6.94 34.54 12.05
N SER B 443 -6.81 35.78 11.54
CA SER B 443 -5.78 36.16 10.59
C SER B 443 -4.37 36.04 11.14
N ASN B 444 -4.14 35.93 12.42
CA ASN B 444 -2.75 35.74 12.90
C ASN B 444 -2.56 34.30 13.37
N TRP B 445 -3.53 33.39 13.20
CA TRP B 445 -3.35 32.03 13.71
C TRP B 445 -2.33 31.28 12.88
N LYS B 446 -1.24 30.87 13.49
CA LYS B 446 -0.17 30.14 12.83
C LYS B 446 -0.22 28.69 13.34
N THR B 447 -0.97 27.89 12.60
CA THR B 447 -1.20 26.49 12.99
C THR B 447 -0.06 25.62 12.46
N PRO B 448 0.25 24.60 13.25
CA PRO B 448 1.38 23.75 12.92
C PRO B 448 1.22 22.91 11.66
N ALA B 449 2.26 22.88 10.85
CA ALA B 449 2.26 22.04 9.66
C ALA B 449 2.73 20.63 10.01
N MET B 450 2.20 19.65 9.31
CA MET B 450 2.74 18.31 9.45
C MET B 450 4.07 18.18 8.71
N ALA B 451 5.00 17.41 9.27
CA ALA B 451 6.28 17.12 8.68
C ALA B 451 6.37 15.68 8.14
N LEU B 452 7.50 15.39 7.50
CA LEU B 452 7.67 14.03 6.92
C LEU B 452 8.98 13.46 7.44
N THR B 453 8.97 12.16 7.73
CA THR B 453 10.17 11.50 8.26
C THR B 453 10.52 10.24 7.49
N PHE B 454 11.75 10.14 7.02
CA PHE B 454 12.32 8.90 6.44
C PHE B 454 12.81 8.10 7.65
N ARG B 455 12.00 7.13 8.08
CA ARG B 455 12.27 6.36 9.28
C ARG B 455 13.36 5.29 9.09
N ALA B 456 14.14 5.11 10.16
CA ALA B 456 15.21 4.11 10.14
C ALA B 456 14.71 2.72 10.49
N ASN B 457 13.48 2.57 10.94
CA ASN B 457 12.82 1.30 11.10
C ASN B 457 11.94 1.06 9.87
N ASN B 458 11.97 -0.15 9.31
CA ASN B 458 11.13 -0.49 8.18
C ASN B 458 9.66 -0.54 8.60
N PHE B 459 8.77 -0.84 7.64
CA PHE B 459 7.34 -0.78 7.92
C PHE B 459 6.85 -1.77 8.94
N PHE B 460 7.63 -2.85 9.16
CA PHE B 460 7.30 -3.81 10.20
C PHE B 460 7.60 -3.28 11.60
N GLY B 461 8.31 -2.15 11.70
CA GLY B 461 8.77 -1.62 12.95
C GLY B 461 10.14 -2.13 13.36
N VAL B 462 10.90 -2.70 12.38
CA VAL B 462 12.18 -3.30 12.65
C VAL B 462 13.32 -2.47 12.11
N PRO B 463 14.30 -2.15 12.93
CA PRO B 463 15.46 -1.38 12.46
C PRO B 463 16.01 -1.94 11.15
N GLN B 464 16.24 -1.05 10.19
CA GLN B 464 16.94 -1.35 8.95
C GLN B 464 18.09 -0.39 8.71
N ALA B 465 18.45 0.34 9.76
CA ALA B 465 19.48 1.36 9.78
C ALA B 465 19.61 1.84 11.22
N ALA B 466 20.70 2.54 11.58
CA ALA B 466 20.77 3.09 12.93
C ALA B 466 19.80 4.26 13.07
N ALA B 467 19.35 4.55 14.28
CA ALA B 467 18.40 5.65 14.52
C ALA B 467 18.84 7.00 13.99
N GLU B 468 20.14 7.29 14.08
N GLU B 468 20.11 7.34 14.08
CA GLU B 468 20.70 8.54 13.59
CA GLU B 468 20.62 8.61 13.57
C GLU B 468 20.55 8.70 12.08
C GLU B 468 20.58 8.72 12.05
N GLU B 469 20.27 7.61 11.36
CA GLU B 469 20.09 7.68 9.91
C GLU B 469 18.73 8.17 9.46
N THR B 470 17.80 8.33 10.43
CA THR B 470 16.49 8.92 10.12
C THR B 470 16.69 10.28 9.48
N ARG B 471 15.87 10.59 8.47
N ARG B 471 15.90 10.60 8.45
CA ARG B 471 16.02 11.91 7.86
CA ARG B 471 16.01 11.88 7.76
C ARG B 471 14.65 12.61 8.01
C ARG B 471 14.65 12.61 7.84
N HIS B 472 14.74 13.93 7.96
CA HIS B 472 13.54 14.74 8.21
C HIS B 472 13.32 15.75 7.10
N GLN B 473 12.06 15.95 6.70
CA GLN B 473 11.68 16.93 5.70
C GLN B 473 10.60 17.83 6.31
N ALA B 474 10.78 19.18 6.23
CA ALA B 474 9.80 20.05 6.90
C ALA B 474 8.37 19.88 6.38
N GLU B 475 8.19 19.73 5.08
CA GLU B 475 6.83 19.64 4.55
C GLU B 475 6.31 18.20 4.36
N TYR B 476 5.30 17.84 5.13
CA TYR B 476 4.59 16.59 4.83
C TYR B 476 3.96 16.78 3.46
N GLN B 477 4.07 15.75 2.61
CA GLN B 477 3.48 15.73 1.27
C GLN B 477 2.73 14.42 1.15
N ASN B 478 1.43 14.44 0.84
CA ASN B 478 0.62 13.21 0.74
C ASN B 478 0.78 12.69 -0.68
N ARG B 479 1.95 12.03 -0.87
CA ARG B 479 2.40 11.55 -2.16
C ARG B 479 3.14 10.23 -2.06
N GLY B 480 3.51 9.71 -3.23
CA GLY B 480 4.27 8.46 -3.28
C GLY B 480 5.57 8.52 -2.52
N THR B 481 5.91 7.40 -1.93
CA THR B 481 7.24 7.14 -1.35
C THR B 481 8.30 7.39 -2.42
N GLU B 482 8.01 6.95 -3.66
CA GLU B 482 8.74 7.34 -4.83
C GLU B 482 7.66 7.84 -5.82
N ASN B 483 8.08 8.64 -6.78
CA ASN B 483 7.21 9.00 -7.90
C ASN B 483 7.99 8.69 -9.19
N ASP B 484 7.29 8.16 -10.19
CA ASP B 484 7.90 7.89 -11.47
C ASP B 484 6.89 8.31 -12.54
N MET B 485 7.40 8.84 -13.64
CA MET B 485 6.63 9.28 -14.78
C MET B 485 7.22 8.74 -16.07
N ILE B 486 6.36 8.18 -16.95
CA ILE B 486 6.79 7.67 -18.24
C ILE B 486 5.95 8.40 -19.29
N VAL B 487 6.62 8.96 -20.31
CA VAL B 487 5.96 9.70 -21.38
C VAL B 487 6.22 8.97 -22.70
N PHE B 488 5.17 8.57 -23.40
N PHE B 488 5.16 8.66 -23.41
CA PHE B 488 5.30 7.83 -24.64
CA PHE B 488 5.21 7.89 -24.64
C PHE B 488 5.08 8.76 -25.83
C PHE B 488 4.96 8.70 -25.90
N SER B 489 5.82 8.47 -26.90
CA SER B 489 5.75 9.24 -28.13
C SER B 489 5.60 10.74 -27.93
N PRO B 490 6.51 11.38 -27.21
CA PRO B 490 6.55 12.83 -27.06
C PRO B 490 6.74 13.48 -28.42
N THR B 491 6.14 14.66 -28.59
CA THR B 491 6.34 15.39 -29.85
C THR B 491 7.58 16.28 -29.72
N THR B 492 8.13 16.40 -28.51
CA THR B 492 9.25 17.23 -28.16
C THR B 492 10.61 16.54 -28.25
N SER B 493 10.63 15.25 -28.58
CA SER B 493 11.79 14.40 -28.73
C SER B 493 11.52 13.34 -29.78
N ASP B 494 12.55 12.80 -30.47
CA ASP B 494 12.34 11.69 -31.37
C ASP B 494 12.28 10.35 -30.65
N ARG B 495 12.64 10.28 -29.37
N ARG B 495 12.68 10.30 -29.39
CA ARG B 495 12.64 9.04 -28.62
CA ARG B 495 12.68 9.02 -28.66
C ARG B 495 11.23 8.56 -28.33
C ARG B 495 11.24 8.57 -28.48
N PRO B 496 11.02 7.26 -28.45
CA PRO B 496 9.69 6.70 -28.23
C PRO B 496 9.21 6.82 -26.80
N VAL B 497 10.19 7.05 -25.94
N VAL B 497 10.10 6.70 -25.80
CA VAL B 497 9.82 7.17 -24.53
CA VAL B 497 9.80 6.71 -24.36
C VAL B 497 10.84 8.03 -23.81
C VAL B 497 10.76 7.61 -23.55
N LEU B 498 10.31 8.59 -22.74
CA LEU B 498 11.12 9.35 -21.83
C LEU B 498 10.64 8.99 -20.40
N ALA B 499 11.49 8.89 -19.41
CA ALA B 499 11.04 8.50 -18.09
C ALA B 499 11.95 9.08 -17.01
N TRP B 500 11.31 9.31 -15.86
CA TRP B 500 11.98 9.90 -14.72
C TRP B 500 11.46 9.30 -13.42
N ASP B 501 12.28 9.35 -12.37
CA ASP B 501 11.84 8.92 -11.05
C ASP B 501 12.59 9.68 -9.98
N VAL B 502 12.36 9.29 -8.71
CA VAL B 502 13.07 9.84 -7.58
C VAL B 502 13.04 8.76 -6.50
N VAL B 503 14.22 8.39 -6.02
CA VAL B 503 14.45 7.36 -5.03
C VAL B 503 15.24 7.96 -3.86
N ALA B 504 14.47 8.53 -2.90
CA ALA B 504 15.09 9.18 -1.77
C ALA B 504 15.08 8.34 -0.50
N PRO B 505 16.14 8.46 0.30
CA PRO B 505 17.20 9.43 0.23
C PRO B 505 18.22 9.35 -0.88
N GLY B 506 18.48 8.13 -1.37
CA GLY B 506 19.41 7.92 -2.46
C GLY B 506 19.46 6.44 -2.81
N GLN B 507 20.25 6.12 -3.85
CA GLN B 507 20.35 4.71 -4.28
C GLN B 507 21.07 3.84 -3.25
N SER B 508 22.10 4.36 -2.58
CA SER B 508 22.87 3.54 -1.67
C SER B 508 22.55 3.76 -0.21
N GLY B 509 22.56 2.67 0.58
CA GLY B 509 22.49 2.77 2.01
C GLY B 509 23.84 2.45 2.66
N PHE B 510 24.89 2.29 1.85
CA PHE B 510 26.16 1.89 2.41
C PHE B 510 26.87 2.93 3.26
N ILE B 511 27.33 2.49 4.43
CA ILE B 511 28.19 3.27 5.31
C ILE B 511 29.39 2.38 5.64
N ALA B 512 30.61 2.88 5.37
CA ALA B 512 31.80 2.08 5.62
C ALA B 512 32.04 1.94 7.11
N PRO B 513 32.90 1.03 7.54
CA PRO B 513 33.18 0.82 8.94
C PRO B 513 33.59 2.11 9.66
N ASP B 514 34.38 2.99 8.99
CA ASP B 514 34.79 4.24 9.61
C ASP B 514 33.75 5.35 9.64
N GLY B 515 32.54 5.10 9.17
CA GLY B 515 31.45 6.03 9.16
C GLY B 515 31.30 6.80 7.88
N THR B 516 32.14 6.63 6.88
CA THR B 516 31.99 7.36 5.62
C THR B 516 30.80 6.85 4.83
N VAL B 517 29.84 7.74 4.61
CA VAL B 517 28.66 7.36 3.85
C VAL B 517 28.99 7.33 2.37
N ASP B 518 28.26 6.48 1.64
CA ASP B 518 28.46 6.38 0.20
C ASP B 518 28.15 7.71 -0.49
N LYS B 519 28.76 7.93 -1.62
CA LYS B 519 28.51 9.09 -2.46
C LYS B 519 27.04 9.18 -2.87
N HIS B 520 26.30 8.07 -2.91
CA HIS B 520 24.88 8.11 -3.31
C HIS B 520 23.97 7.83 -2.13
N TYR B 521 24.39 8.23 -0.93
CA TYR B 521 23.58 8.02 0.27
C TYR B 521 22.47 9.02 0.45
N GLU B 522 22.58 10.24 -0.07
CA GLU B 522 21.60 11.29 0.27
C GLU B 522 21.40 12.27 -0.88
N ASP B 523 21.77 11.93 -2.09
CA ASP B 523 21.75 12.81 -3.24
C ASP B 523 20.42 12.96 -3.95
N GLN B 524 19.36 12.30 -3.40
CA GLN B 524 18.02 12.48 -3.97
C GLN B 524 17.10 13.12 -2.92
N LEU B 525 17.57 13.42 -1.71
CA LEU B 525 16.72 14.01 -0.69
C LEU B 525 16.13 15.38 -1.04
N LYS B 526 16.96 16.30 -1.49
CA LYS B 526 16.53 17.65 -1.84
C LYS B 526 15.66 17.62 -3.08
N MET B 527 15.99 16.75 -4.03
CA MET B 527 15.16 16.57 -5.23
C MET B 527 13.78 16.09 -4.82
N TYR B 528 13.69 15.13 -3.90
CA TYR B 528 12.38 14.68 -3.46
C TYR B 528 11.58 15.86 -2.90
N GLU B 529 12.12 16.60 -1.94
CA GLU B 529 11.41 17.70 -1.30
C GLU B 529 10.89 18.78 -2.25
N ASN B 530 11.66 19.05 -3.29
N ASN B 530 11.62 19.14 -3.30
CA ASN B 530 11.35 20.09 -4.23
CA ASN B 530 11.14 20.20 -4.18
C ASN B 530 10.55 19.66 -5.44
C ASN B 530 10.46 19.69 -5.44
N PHE B 531 10.02 18.42 -5.44
CA PHE B 531 9.26 17.87 -6.52
C PHE B 531 10.04 17.75 -7.83
N GLY B 532 11.38 17.56 -7.65
CA GLY B 532 12.25 17.28 -8.77
C GLY B 532 12.25 15.81 -9.15
N ARG B 533 13.09 15.49 -10.16
CA ARG B 533 13.13 14.11 -10.64
C ARG B 533 14.39 13.96 -11.51
N LYS B 534 14.86 12.70 -11.57
CA LYS B 534 16.04 12.38 -12.36
C LYS B 534 15.62 11.50 -13.52
N SER B 535 16.39 11.50 -14.60
CA SER B 535 16.14 10.67 -15.76
C SER B 535 16.42 9.19 -15.46
N LEU B 536 15.55 8.31 -15.91
CA LEU B 536 15.75 6.89 -15.93
C LEU B 536 16.30 6.57 -17.33
N TRP B 537 17.47 6.01 -17.45
CA TRP B 537 18.05 5.65 -18.75
C TRP B 537 17.70 4.19 -19.05
N LEU B 538 17.53 3.93 -20.35
CA LEU B 538 17.26 2.59 -20.85
C LEU B 538 18.31 2.08 -21.85
N THR B 539 18.57 2.88 -22.90
CA THR B 539 19.45 2.40 -23.97
C THR B 539 20.92 2.34 -23.57
N LYS B 540 21.65 1.48 -24.33
CA LYS B 540 23.07 1.36 -24.06
C LYS B 540 23.80 2.69 -24.20
N GLN B 541 23.41 3.43 -25.24
CA GLN B 541 24.04 4.73 -25.48
C GLN B 541 23.73 5.76 -24.40
N ASP B 542 22.50 5.78 -23.89
CA ASP B 542 22.20 6.74 -22.82
C ASP B 542 22.90 6.36 -21.52
N VAL B 543 22.94 5.05 -21.22
CA VAL B 543 23.63 4.62 -19.99
C VAL B 543 25.10 4.94 -20.12
N GLU B 544 25.70 4.64 -21.27
CA GLU B 544 27.12 4.95 -21.42
C GLU B 544 27.41 6.43 -21.31
N ALA B 545 26.56 7.28 -21.86
CA ALA B 545 26.75 8.73 -21.84
C ALA B 545 26.68 9.28 -20.43
N HIS B 546 26.00 8.57 -19.52
CA HIS B 546 25.80 9.00 -18.15
C HIS B 546 26.48 8.09 -17.15
N LYS B 547 27.50 7.38 -17.62
CA LYS B 547 28.22 6.45 -16.75
C LYS B 547 29.14 7.11 -15.75
N GLU B 548 29.09 6.65 -14.49
CA GLU B 548 29.99 7.06 -13.44
C GLU B 548 31.05 6.00 -13.16
N SER B 549 30.66 4.72 -13.23
CA SER B 549 31.57 3.62 -12.98
C SER B 549 31.11 2.35 -13.68
N GLN B 550 32.00 1.37 -13.80
CA GLN B 550 31.62 0.08 -14.34
C GLN B 550 32.54 -1.01 -13.80
N GLU B 551 32.00 -2.23 -13.77
CA GLU B 551 32.70 -3.44 -13.36
C GLU B 551 32.37 -4.55 -14.39
N VAL B 552 33.33 -5.45 -14.65
CA VAL B 552 33.03 -6.60 -15.50
C VAL B 552 33.33 -7.86 -14.68
N LEU B 553 32.36 -8.71 -14.45
CA LEU B 553 32.51 -9.96 -13.74
C LEU B 553 32.60 -11.14 -14.72
N HIS B 554 33.36 -12.16 -14.28
CA HIS B 554 33.58 -13.35 -15.10
C HIS B 554 33.25 -14.54 -14.20
N VAL B 555 32.06 -15.12 -14.38
CA VAL B 555 31.57 -16.13 -13.47
C VAL B 555 30.95 -17.34 -14.16
N GLN B 556 31.23 -18.52 -13.63
CA GLN B 556 30.66 -19.75 -14.14
C GLN B 556 29.67 -20.34 -13.12
N ARG B 557 28.50 -20.76 -13.59
CA ARG B 557 27.54 -21.37 -12.67
C ARG B 557 28.00 -22.77 -12.30
C1 EDO C . -25.01 -5.64 -2.51
O1 EDO C . -25.14 -6.71 -1.61
C2 EDO C . -24.43 -6.16 -3.83
O2 EDO C . -23.33 -7.01 -3.71
C1 EDO D . -8.28 -11.46 12.32
O1 EDO D . -7.71 -10.65 11.32
C2 EDO D . -9.67 -11.84 11.80
O2 EDO D . -10.55 -10.78 11.92
C1 EDO E . -11.30 8.03 -10.61
O1 EDO E . -11.23 8.48 -11.95
C2 EDO E . -12.72 7.73 -10.23
O2 EDO E . -13.56 8.88 -10.33
C1 EDO F . -10.25 3.52 2.53
O1 EDO F . -11.36 4.11 3.20
C2 EDO F . -10.23 3.66 1.01
O2 EDO F . -9.97 5.01 0.56
C1 EDO G . -5.25 -4.97 1.19
O1 EDO G . -4.61 -6.23 1.23
C2 EDO G . -4.41 -4.03 0.29
O2 EDO G . -4.39 -4.46 -1.07
C1 EDO H . -19.28 -17.59 12.53
O1 EDO H . -18.26 -17.83 13.46
C2 EDO H . -19.32 -18.64 11.43
O2 EDO H . -19.55 -19.95 11.93
C1 EDO I . -8.24 0.28 7.52
O1 EDO I . -7.67 -0.67 8.43
C2 EDO I . -7.32 0.55 6.32
O2 EDO I . -6.13 1.18 6.76
C1 EDO J . -14.79 -10.24 -5.35
O1 EDO J . -15.53 -11.29 -5.91
C2 EDO J . -14.78 -10.28 -3.78
O2 EDO J . -13.92 -11.33 -3.50
C1 EDO K . -2.86 28.43 -3.04
O1 EDO K . -3.14 27.21 -3.69
C2 EDO K . -2.87 28.29 -1.51
O2 EDO K . -4.19 28.24 -1.03
C1 EDO L . 28.91 0.97 -2.00
O1 EDO L . 28.84 -0.43 -1.76
C2 EDO L . 27.88 1.37 -3.07
O2 EDO L . 26.57 1.33 -2.54
C1 EDO M . 1.17 25.44 -5.13
O1 EDO M . 1.09 24.10 -4.62
C2 EDO M . 0.00 26.27 -4.63
O2 EDO M . -1.25 25.88 -5.23
C1 EDO N . -17.36 -5.91 1.54
O1 EDO N . -16.38 -5.15 2.25
C2 EDO N . -16.79 -7.28 1.06
O2 EDO N . -16.47 -7.97 2.23
C1 EDO O . -12.70 16.10 -19.08
O1 EDO O . -11.55 15.24 -18.98
C2 EDO O . -12.87 16.52 -20.54
O2 EDO O . -11.71 17.19 -20.98
C1 EDO P . -8.62 26.04 -16.70
O1 EDO P . -7.50 25.95 -15.81
C2 EDO P . -8.32 27.24 -17.63
O2 EDO P . -7.16 26.86 -18.39
C1 EDO Q . -5.59 8.96 8.03
C1 EDO Q . -4.82 8.76 7.56
O1 EDO Q . -5.62 10.12 7.23
O1 EDO Q . -5.31 10.09 7.51
C2 EDO Q . -6.55 7.93 7.41
C2 EDO Q . -5.92 7.87 6.95
O2 EDO Q . -7.87 8.40 7.42
O2 EDO Q . -5.79 6.52 7.28
C1 EDO R . -2.46 18.25 3.18
O1 EDO R . -1.68 19.22 3.83
C2 EDO R . -1.82 16.87 3.44
O2 EDO R . -2.69 15.88 2.96
C1 EDO S . 9.73 22.45 -1.19
O1 EDO S . 8.82 21.84 -2.09
C2 EDO S . 8.96 22.74 0.12
O2 EDO S . 8.79 21.52 0.79
C1 EDO T . -14.94 -7.62 -14.83
O1 EDO T . -15.90 -7.12 -13.99
C2 EDO T . -14.47 -7.04 -16.12
O2 EDO T . -14.16 -5.68 -16.13
C1 EDO U . -2.71 19.90 -14.01
C1 EDO U . -3.13 19.71 -13.80
O1 EDO U . -1.43 20.08 -13.44
O1 EDO U . -1.88 20.35 -13.51
C2 EDO U . -3.24 21.32 -14.27
C2 EDO U . -4.04 20.73 -14.49
O2 EDO U . -3.10 21.71 -15.60
O2 EDO U . -5.35 20.66 -14.00
C1 EDO V . -5.93 2.65 3.17
C1 EDO V . -4.80 3.19 1.64
O1 EDO V . -4.52 2.49 3.16
O1 EDO V . -3.83 3.95 1.02
C2 EDO V . -6.44 3.83 3.97
C2 EDO V . -5.74 3.94 2.56
O2 EDO V . -5.93 5.02 3.45
O2 EDO V . -5.25 5.24 2.81
CA CA W . -13.68 -11.53 3.58
O8 PNN X . -0.76 1.94 3.34
C7 PNN X . -1.38 1.10 2.73
N4 PNN X . -2.22 0.12 3.25
C3 PNN X . -2.08 -0.57 4.55
C11 PNN X . -3.27 -0.22 5.40
O13 PNN X . -4.29 0.36 5.12
O12 PNN X . -3.07 -0.63 6.67
C2 PNN X . -1.95 -2.10 4.21
C10 PNN X . -3.30 -2.78 4.04
C9 PNN X . -1.01 -2.80 5.20
S1 PNN X . -1.08 -2.09 2.58
C5 PNN X . -2.11 -0.70 2.02
C6 PNN X . -1.48 0.54 1.32
N14 PNN X . -0.21 0.32 0.68
C15 PNN X . -0.06 0.66 -0.61
O16 PNN X . -0.84 1.11 -1.41
C17 PNN X . 1.32 0.34 -1.15
C18 PNN X . 1.31 -0.63 -2.35
C19 PNN X . 1.58 -0.11 -3.62
C20 PNN X . 1.66 -0.93 -4.77
C21 PNN X . 1.41 -2.29 -4.49
C22 PNN X . 1.11 -2.80 -3.28
C23 PNN X . 1.05 -1.96 -2.14
#